data_2I0F
#
_entry.id   2I0F
#
_cell.length_a   124.101
_cell.length_b   68.521
_cell.length_c   90.649
_cell.angle_alpha   90.00
_cell.angle_beta   108.40
_cell.angle_gamma   90.00
#
_symmetry.space_group_name_H-M   'C 1 2 1'
#
loop_
_entity.id
_entity.type
_entity.pdbx_description
1 polymer '6,7-dimethyl-8-ribityllumazine synthase 1'
2 non-polymer 'CALCIUM ION'
3 water water
#
_entity_poly.entity_id   1
_entity_poly.type   'polypeptide(L)'
_entity_poly.pdbx_seq_one_letter_code
;MEFLMSKHEADAPHLLIVEARFYDDLADALLDGAKAALDEAGATYDVVTVPGALEIPATISFALDGADNGGTEYDGFVAL
GTVIRGETYHFDIVSNESCRALTDLSVEESIAIGNGILTVENEEQAWVHARREDKDKGGFAARAALTMIGLRKKFGA
;
_entity_poly.pdbx_strand_id   A,B,C,D,E
#
loop_
_chem_comp.id
_chem_comp.type
_chem_comp.name
_chem_comp.formula
CA non-polymer 'CALCIUM ION' 'Ca 2'
#
# COMPACT_ATOMS: atom_id res chain seq x y z
N ASP A 11 -32.06 -2.28 -18.17
CA ASP A 11 -31.01 -1.90 -19.16
C ASP A 11 -30.22 -0.72 -18.62
N ALA A 12 -30.89 0.10 -17.82
CA ALA A 12 -30.25 1.26 -17.23
C ALA A 12 -29.27 0.77 -16.17
N PRO A 13 -28.21 1.54 -15.90
CA PRO A 13 -27.23 1.12 -14.89
C PRO A 13 -27.89 0.90 -13.53
N HIS A 14 -27.44 -0.15 -12.85
CA HIS A 14 -27.96 -0.44 -11.53
C HIS A 14 -26.73 -0.42 -10.63
N LEU A 15 -26.67 0.56 -9.74
CA LEU A 15 -25.51 0.67 -8.87
C LEU A 15 -25.82 0.29 -7.43
N LEU A 16 -24.76 0.05 -6.67
CA LEU A 16 -24.91 -0.27 -5.26
C LEU A 16 -24.27 0.91 -4.56
N ILE A 17 -25.05 1.54 -3.69
CA ILE A 17 -24.58 2.66 -2.92
C ILE A 17 -24.19 2.07 -1.56
N VAL A 18 -22.94 2.26 -1.17
CA VAL A 18 -22.47 1.75 0.10
C VAL A 18 -22.19 2.98 0.94
N GLU A 19 -23.03 3.20 1.95
CA GLU A 19 -22.89 4.35 2.81
C GLU A 19 -22.37 4.03 4.20
N ALA A 20 -21.33 4.72 4.61
CA ALA A 20 -20.80 4.58 5.94
C ALA A 20 -21.69 5.55 6.71
N ARG A 21 -22.46 5.05 7.65
CA ARG A 21 -23.39 5.88 8.38
C ARG A 21 -23.08 6.07 9.88
N PHE A 22 -22.78 7.31 10.26
CA PHE A 22 -22.51 7.63 11.66
C PHE A 22 -23.34 8.86 12.00
N TYR A 23 -23.20 9.91 11.18
CA TYR A 23 -23.98 11.14 11.37
C TYR A 23 -25.23 10.97 10.48
N ASP A 24 -26.32 10.50 11.08
CA ASP A 24 -27.56 10.24 10.34
C ASP A 24 -28.03 11.34 9.41
N ASP A 25 -28.06 12.58 9.89
CA ASP A 25 -28.52 13.69 9.05
C ASP A 25 -27.59 13.93 7.88
N LEU A 26 -26.30 14.04 8.15
CA LEU A 26 -25.34 14.24 7.08
C LEU A 26 -25.44 13.11 6.06
N ALA A 27 -25.47 11.87 6.56
CA ALA A 27 -25.55 10.69 5.69
C ALA A 27 -26.81 10.72 4.81
N ASP A 28 -27.89 11.28 5.34
CA ASP A 28 -29.13 11.37 4.59
C ASP A 28 -28.97 12.38 3.48
N ALA A 29 -28.33 13.50 3.80
CA ALA A 29 -28.12 14.50 2.79
C ALA A 29 -27.28 13.85 1.69
N LEU A 30 -26.17 13.23 2.09
CA LEU A 30 -25.28 12.58 1.14
C LEU A 30 -26.00 11.57 0.26
N LEU A 31 -26.74 10.68 0.91
CA LEU A 31 -27.49 9.66 0.20
C LEU A 31 -28.54 10.30 -0.71
N ASP A 32 -29.15 11.40 -0.26
CA ASP A 32 -30.17 12.10 -1.05
C ASP A 32 -29.51 12.65 -2.30
N GLY A 33 -28.29 13.17 -2.15
CA GLY A 33 -27.57 13.71 -3.28
C GLY A 33 -27.28 12.62 -4.30
N ALA A 34 -26.77 11.49 -3.82
CA ALA A 34 -26.43 10.37 -4.70
C ALA A 34 -27.68 9.83 -5.39
N LYS A 35 -28.71 9.50 -4.61
CA LYS A 35 -29.93 8.96 -5.20
C LYS A 35 -30.53 9.88 -6.25
N ALA A 36 -30.47 11.19 -6.02
CA ALA A 36 -31.03 12.13 -6.97
C ALA A 36 -30.22 12.10 -8.25
N ALA A 37 -28.90 12.10 -8.11
CA ALA A 37 -28.04 12.05 -9.29
C ALA A 37 -28.31 10.77 -10.06
N LEU A 38 -28.53 9.67 -9.36
CA LEU A 38 -28.78 8.42 -10.08
C LEU A 38 -30.17 8.40 -10.70
N ASP A 39 -31.12 9.07 -10.06
CA ASP A 39 -32.46 9.11 -10.58
C ASP A 39 -32.49 9.90 -11.87
N GLU A 40 -31.90 11.09 -11.83
CA GLU A 40 -31.87 11.99 -12.97
C GLU A 40 -31.21 11.39 -14.20
N ALA A 41 -30.32 10.43 -13.99
CA ALA A 41 -29.64 9.79 -15.10
C ALA A 41 -30.39 8.50 -15.46
N GLY A 42 -31.50 8.24 -14.78
CA GLY A 42 -32.25 7.04 -15.07
C GLY A 42 -31.66 5.73 -14.59
N ALA A 43 -30.64 5.79 -13.72
CA ALA A 43 -30.01 4.58 -13.18
C ALA A 43 -30.74 4.14 -11.91
N THR A 44 -30.67 2.84 -11.60
CA THR A 44 -31.32 2.31 -10.39
C THR A 44 -30.24 1.98 -9.36
N TYR A 45 -30.64 1.71 -8.13
CA TYR A 45 -29.66 1.43 -7.08
C TYR A 45 -30.23 0.71 -5.87
N ASP A 46 -29.35 0.02 -5.17
CA ASP A 46 -29.68 -0.65 -3.92
C ASP A 46 -28.82 0.12 -2.93
N VAL A 47 -29.18 0.10 -1.67
CA VAL A 47 -28.43 0.83 -0.67
C VAL A 47 -28.13 -0.05 0.51
N VAL A 48 -26.85 -0.11 0.90
CA VAL A 48 -26.48 -0.87 2.08
C VAL A 48 -25.70 0.06 2.98
N THR A 49 -25.72 -0.25 4.27
CA THR A 49 -25.10 0.57 5.26
C THR A 49 -24.02 -0.14 6.05
N VAL A 50 -22.90 0.54 6.25
CA VAL A 50 -21.80 0.01 7.02
C VAL A 50 -21.51 1.06 8.09
N PRO A 51 -20.83 0.69 9.17
CA PRO A 51 -20.59 1.73 10.18
C PRO A 51 -19.45 2.70 9.93
N GLY A 52 -18.47 2.31 9.14
CA GLY A 52 -17.37 3.20 8.87
C GLY A 52 -16.95 3.15 7.42
N ALA A 53 -16.17 4.14 7.01
CA ALA A 53 -15.68 4.22 5.66
C ALA A 53 -14.75 3.05 5.36
N LEU A 54 -14.06 2.58 6.38
CA LEU A 54 -13.12 1.49 6.20
C LEU A 54 -13.84 0.22 5.84
N GLU A 55 -15.14 0.17 6.08
CA GLU A 55 -15.92 -1.01 5.77
C GLU A 55 -16.49 -0.97 4.36
N ILE A 56 -16.36 0.16 3.66
CA ILE A 56 -16.94 0.27 2.32
C ILE A 56 -16.29 -0.63 1.30
N PRO A 57 -14.95 -0.58 1.19
CA PRO A 57 -14.26 -1.45 0.21
C PRO A 57 -14.70 -2.92 0.33
N ALA A 58 -14.67 -3.47 1.53
CA ALA A 58 -15.04 -4.88 1.70
C ALA A 58 -16.49 -5.12 1.28
N THR A 59 -17.38 -4.21 1.64
CA THR A 59 -18.78 -4.38 1.28
C THR A 59 -18.84 -4.54 -0.24
N ILE A 60 -18.20 -3.62 -0.96
CA ILE A 60 -18.15 -3.67 -2.41
C ILE A 60 -17.59 -5.04 -2.80
N SER A 61 -16.58 -5.48 -2.06
CA SER A 61 -15.99 -6.79 -2.31
C SER A 61 -17.05 -7.89 -2.21
N PHE A 62 -17.90 -7.82 -1.18
CA PHE A 62 -18.93 -8.85 -1.03
C PHE A 62 -19.86 -8.85 -2.24
N ALA A 63 -20.33 -7.66 -2.62
CA ALA A 63 -21.24 -7.51 -3.75
C ALA A 63 -20.68 -8.22 -4.97
N LEU A 64 -19.41 -7.98 -5.27
CA LEU A 64 -18.75 -8.59 -6.40
C LEU A 64 -18.70 -10.12 -6.28
N ASP A 65 -18.41 -10.61 -5.09
CA ASP A 65 -18.35 -12.06 -4.85
C ASP A 65 -19.73 -12.66 -5.05
N GLY A 66 -20.74 -11.95 -4.54
CA GLY A 66 -22.10 -12.42 -4.66
C GLY A 66 -22.52 -12.54 -6.12
N ALA A 67 -22.15 -11.55 -6.93
CA ALA A 67 -22.50 -11.57 -8.34
C ALA A 67 -22.00 -12.87 -9.00
N ASP A 68 -20.77 -13.26 -8.66
CA ASP A 68 -20.20 -14.49 -9.20
C ASP A 68 -20.98 -15.69 -8.70
N ASN A 69 -21.66 -15.51 -7.57
CA ASN A 69 -22.47 -16.57 -6.96
C ASN A 69 -23.95 -16.44 -7.33
N GLY A 70 -24.21 -15.99 -8.56
CA GLY A 70 -25.58 -15.85 -9.02
C GLY A 70 -26.32 -14.64 -8.45
N GLY A 71 -25.67 -13.90 -7.56
CA GLY A 71 -26.29 -12.74 -6.94
C GLY A 71 -26.44 -11.53 -7.85
N THR A 72 -26.95 -10.45 -7.28
CA THR A 72 -27.15 -9.20 -8.02
C THR A 72 -25.86 -8.64 -8.63
N GLU A 73 -25.92 -8.41 -9.94
CA GLU A 73 -24.80 -7.86 -10.69
C GLU A 73 -24.95 -6.35 -10.71
N TYR A 74 -24.00 -5.63 -10.12
CA TYR A 74 -24.06 -4.18 -10.11
C TYR A 74 -23.17 -3.60 -11.21
N ASP A 75 -23.58 -2.48 -11.79
CA ASP A 75 -22.78 -1.86 -12.84
C ASP A 75 -21.74 -0.89 -12.32
N GLY A 76 -21.94 -0.44 -11.09
CA GLY A 76 -20.99 0.48 -10.50
C GLY A 76 -21.31 0.63 -9.04
N PHE A 77 -20.46 1.33 -8.32
CA PHE A 77 -20.70 1.51 -6.90
C PHE A 77 -20.48 2.95 -6.49
N VAL A 78 -21.28 3.37 -5.52
CA VAL A 78 -21.13 4.71 -4.99
C VAL A 78 -20.77 4.52 -3.52
N ALA A 79 -19.67 5.12 -3.11
CA ALA A 79 -19.24 5.01 -1.73
C ALA A 79 -19.50 6.33 -1.04
N LEU A 80 -20.36 6.31 -0.03
CA LEU A 80 -20.67 7.52 0.72
C LEU A 80 -20.15 7.41 2.14
N GLY A 81 -19.65 8.52 2.65
CA GLY A 81 -19.16 8.54 4.02
C GLY A 81 -18.78 9.95 4.41
N THR A 82 -18.66 10.19 5.70
CA THR A 82 -18.28 11.51 6.17
C THR A 82 -17.32 11.42 7.35
N VAL A 83 -16.09 11.88 7.14
CA VAL A 83 -15.12 11.87 8.20
C VAL A 83 -14.85 13.32 8.54
N ILE A 84 -15.02 13.66 9.81
CA ILE A 84 -14.79 15.03 10.26
C ILE A 84 -13.63 14.99 11.23
N ARG A 85 -12.53 15.66 10.93
CA ARG A 85 -11.40 15.65 11.85
C ARG A 85 -11.86 16.19 13.20
N GLY A 86 -11.98 15.31 14.19
CA GLY A 86 -12.43 15.73 15.50
C GLY A 86 -11.38 15.66 16.60
N GLU A 87 -11.58 14.75 17.55
CA GLU A 87 -10.63 14.60 18.66
C GLU A 87 -9.76 13.36 18.51
N THR A 88 -10.38 12.25 18.12
CA THR A 88 -9.65 11.00 17.95
C THR A 88 -8.70 11.07 16.75
N TYR A 89 -7.66 10.25 16.78
CA TYR A 89 -6.68 10.22 15.70
C TYR A 89 -7.15 9.19 14.66
N HIS A 90 -8.33 8.65 14.90
CA HIS A 90 -8.93 7.66 14.01
C HIS A 90 -9.77 8.33 12.94
N PHE A 91 -9.23 9.39 12.36
CA PHE A 91 -9.92 10.12 11.30
C PHE A 91 -8.98 10.32 10.12
N ASP A 92 -7.70 10.49 10.41
CA ASP A 92 -6.70 10.66 9.35
C ASP A 92 -6.46 9.29 8.72
N ILE A 93 -6.49 8.26 9.55
CA ILE A 93 -6.30 6.88 9.10
C ILE A 93 -7.47 6.44 8.22
N VAL A 94 -8.68 6.70 8.70
CA VAL A 94 -9.89 6.34 7.98
C VAL A 94 -9.93 7.04 6.63
N SER A 95 -9.55 8.32 6.61
CA SER A 95 -9.56 9.09 5.38
C SER A 95 -8.64 8.47 4.33
N ASN A 96 -7.36 8.41 4.66
CA ASN A 96 -6.37 7.87 3.74
C ASN A 96 -6.59 6.42 3.34
N GLU A 97 -6.80 5.54 4.32
CA GLU A 97 -6.96 4.11 4.04
C GLU A 97 -8.21 3.72 3.27
N SER A 98 -9.30 4.47 3.47
CA SER A 98 -10.53 4.18 2.78
C SER A 98 -10.33 4.58 1.32
N CYS A 99 -9.73 5.75 1.11
CA CYS A 99 -9.46 6.22 -0.23
C CYS A 99 -8.52 5.24 -0.90
N ARG A 100 -7.46 4.89 -0.20
CA ARG A 100 -6.48 3.95 -0.73
C ARG A 100 -7.16 2.60 -1.05
N ALA A 101 -7.93 2.08 -0.09
CA ALA A 101 -8.60 0.81 -0.31
C ALA A 101 -9.56 0.84 -1.50
N LEU A 102 -10.39 1.87 -1.60
CA LEU A 102 -11.33 1.98 -2.71
C LEU A 102 -10.64 2.11 -4.06
N THR A 103 -9.66 3.00 -4.12
CA THR A 103 -8.95 3.19 -5.38
C THR A 103 -8.35 1.85 -5.79
N ASP A 104 -7.62 1.25 -4.87
CA ASP A 104 -6.96 -0.03 -5.11
C ASP A 104 -7.98 -1.04 -5.60
N LEU A 105 -9.14 -1.06 -4.96
CA LEU A 105 -10.21 -1.98 -5.33
C LEU A 105 -10.73 -1.71 -6.74
N SER A 106 -10.83 -0.44 -7.10
CA SER A 106 -11.34 -0.07 -8.41
C SER A 106 -10.43 -0.54 -9.55
N VAL A 107 -9.12 -0.48 -9.30
CA VAL A 107 -8.15 -0.91 -10.30
C VAL A 107 -8.09 -2.43 -10.36
N GLU A 108 -7.88 -3.03 -9.19
CA GLU A 108 -7.77 -4.47 -9.05
C GLU A 108 -8.95 -5.23 -9.63
N GLU A 109 -10.16 -4.73 -9.41
CA GLU A 109 -11.34 -5.40 -9.93
C GLU A 109 -11.86 -4.75 -11.19
N SER A 110 -11.21 -3.67 -11.63
CA SER A 110 -11.65 -2.96 -12.82
C SER A 110 -13.12 -2.62 -12.72
N ILE A 111 -13.47 -1.88 -11.69
CA ILE A 111 -14.87 -1.52 -11.52
C ILE A 111 -15.10 -0.03 -11.40
N ALA A 112 -16.36 0.36 -11.64
CA ALA A 112 -16.79 1.75 -11.57
C ALA A 112 -17.18 2.14 -10.15
N ILE A 113 -16.38 2.98 -9.52
CA ILE A 113 -16.67 3.39 -8.16
C ILE A 113 -16.70 4.90 -8.04
N GLY A 114 -17.80 5.44 -7.55
CA GLY A 114 -17.89 6.87 -7.34
C GLY A 114 -17.46 7.07 -5.91
N ASN A 115 -16.42 7.85 -5.70
CA ASN A 115 -15.90 8.07 -4.35
C ASN A 115 -16.50 9.26 -3.64
N GLY A 116 -17.54 9.01 -2.84
CA GLY A 116 -18.17 10.10 -2.12
C GLY A 116 -17.87 10.07 -0.62
N ILE A 117 -16.68 9.61 -0.24
CA ILE A 117 -16.32 9.58 1.17
C ILE A 117 -15.78 10.97 1.41
N LEU A 118 -16.50 11.74 2.23
CA LEU A 118 -16.09 13.11 2.51
C LEU A 118 -15.15 13.19 3.70
N THR A 119 -14.11 13.99 3.56
CA THR A 119 -13.16 14.20 4.64
C THR A 119 -13.17 15.71 4.79
N VAL A 120 -13.78 16.19 5.87
CA VAL A 120 -13.87 17.62 6.11
C VAL A 120 -13.38 17.99 7.51
N GLU A 121 -13.03 19.28 7.67
CA GLU A 121 -12.51 19.79 8.92
C GLU A 121 -13.56 19.88 10.02
N ASN A 122 -14.82 20.09 9.67
CA ASN A 122 -15.86 20.18 10.68
C ASN A 122 -17.28 19.96 10.18
N GLU A 123 -18.22 20.04 11.12
CA GLU A 123 -19.64 19.86 10.85
C GLU A 123 -20.13 20.84 9.80
N GLU A 124 -19.74 22.10 9.92
CA GLU A 124 -20.18 23.08 8.95
C GLU A 124 -19.80 22.72 7.52
N GLN A 125 -18.56 22.31 7.30
CA GLN A 125 -18.11 21.95 5.97
C GLN A 125 -18.75 20.62 5.54
N ALA A 126 -19.06 19.77 6.51
CA ALA A 126 -19.70 18.51 6.20
C ALA A 126 -21.03 18.78 5.51
N TRP A 127 -21.79 19.77 6.00
CA TRP A 127 -23.08 20.10 5.40
C TRP A 127 -22.90 20.74 4.03
N VAL A 128 -21.96 21.66 3.94
CA VAL A 128 -21.70 22.34 2.68
C VAL A 128 -21.42 21.33 1.59
N HIS A 129 -20.70 20.26 1.94
CA HIS A 129 -20.35 19.24 0.97
C HIS A 129 -21.43 18.20 0.77
N ALA A 130 -22.05 17.78 1.86
CA ALA A 130 -23.07 16.74 1.80
C ALA A 130 -24.39 17.12 1.13
N ARG A 131 -24.82 18.37 1.30
CA ARG A 131 -26.11 18.78 0.74
C ARG A 131 -26.17 18.93 -0.76
N ARG A 132 -27.17 18.32 -1.37
CA ARG A 132 -27.36 18.42 -2.81
C ARG A 132 -27.47 19.89 -3.21
N GLU A 133 -28.11 20.70 -2.36
CA GLU A 133 -28.29 22.12 -2.66
C GLU A 133 -26.99 22.92 -2.59
N ASP A 134 -25.90 22.30 -2.13
CA ASP A 134 -24.65 23.02 -2.05
C ASP A 134 -23.57 22.31 -2.88
N LYS A 135 -22.49 21.85 -2.25
CA LYS A 135 -21.42 21.17 -2.99
C LYS A 135 -21.91 19.85 -3.61
N ASP A 136 -22.95 19.26 -3.02
CA ASP A 136 -23.53 18.01 -3.51
C ASP A 136 -22.49 16.91 -3.79
N LYS A 137 -21.61 16.64 -2.83
CA LYS A 137 -20.61 15.61 -3.04
C LYS A 137 -21.22 14.24 -3.28
N GLY A 138 -22.41 14.02 -2.73
CA GLY A 138 -23.07 12.73 -2.95
C GLY A 138 -23.43 12.63 -4.42
N GLY A 139 -23.90 13.73 -4.99
CA GLY A 139 -24.28 13.73 -6.39
C GLY A 139 -23.06 13.60 -7.29
N PHE A 140 -21.95 14.18 -6.89
CA PHE A 140 -20.72 14.11 -7.66
C PHE A 140 -20.22 12.67 -7.71
N ALA A 141 -20.27 11.99 -6.56
CA ALA A 141 -19.83 10.62 -6.48
C ALA A 141 -20.73 9.71 -7.31
N ALA A 142 -22.03 9.94 -7.27
CA ALA A 142 -22.97 9.13 -8.03
C ALA A 142 -22.70 9.36 -9.53
N ARG A 143 -22.39 10.61 -9.88
CA ARG A 143 -22.09 10.94 -11.26
C ARG A 143 -20.72 10.42 -11.64
N ALA A 144 -19.76 10.51 -10.72
CA ALA A 144 -18.44 10.01 -11.01
C ALA A 144 -18.59 8.51 -11.29
N ALA A 145 -19.48 7.85 -10.55
CA ALA A 145 -19.72 6.44 -10.74
C ALA A 145 -20.30 6.18 -12.13
N LEU A 146 -21.30 6.97 -12.53
CA LEU A 146 -21.92 6.80 -13.85
C LEU A 146 -20.91 7.09 -14.95
N THR A 147 -20.01 8.02 -14.69
CA THR A 147 -18.99 8.34 -15.68
C THR A 147 -18.08 7.12 -15.86
N MET A 148 -17.70 6.49 -14.76
CA MET A 148 -16.81 5.34 -14.85
C MET A 148 -17.50 4.16 -15.50
N ILE A 149 -18.81 4.03 -15.25
CA ILE A 149 -19.56 2.95 -15.85
C ILE A 149 -19.56 3.19 -17.36
N GLY A 150 -19.69 4.46 -17.76
CA GLY A 150 -19.68 4.80 -19.17
C GLY A 150 -18.34 4.46 -19.79
N LEU A 151 -17.25 4.79 -19.11
CA LEU A 151 -15.92 4.48 -19.66
C LEU A 151 -15.70 2.98 -19.69
N ARG A 152 -16.27 2.28 -18.72
CA ARG A 152 -16.14 0.85 -18.61
C ARG A 152 -16.80 0.17 -19.81
N LYS A 153 -18.00 0.61 -20.16
CA LYS A 153 -18.69 0.04 -21.30
C LYS A 153 -17.96 0.45 -22.57
N LYS A 154 -17.49 1.70 -22.61
CA LYS A 154 -16.78 2.18 -23.78
C LYS A 154 -15.62 1.24 -24.15
N PHE A 155 -14.75 0.95 -23.19
CA PHE A 155 -13.64 0.06 -23.50
C PHE A 155 -14.09 -1.39 -23.62
N GLY A 156 -15.40 -1.60 -23.58
CA GLY A 156 -15.92 -2.95 -23.69
C GLY A 156 -15.40 -3.87 -22.59
N ALA A 157 -15.21 -3.30 -21.40
CA ALA A 157 -14.73 -4.06 -20.26
C ALA A 157 -15.94 -4.51 -19.44
N ALA B 12 2.96 2.54 -35.60
CA ALA B 12 3.45 3.51 -34.58
C ALA B 12 2.67 3.34 -33.28
N PRO B 13 3.28 3.72 -32.14
CA PRO B 13 2.62 3.58 -30.84
C PRO B 13 1.26 4.28 -30.75
N HIS B 14 0.31 3.62 -30.12
CA HIS B 14 -1.02 4.19 -29.92
C HIS B 14 -1.23 4.25 -28.42
N LEU B 15 -1.34 5.47 -27.90
CA LEU B 15 -1.50 5.67 -26.46
C LEU B 15 -2.92 6.05 -26.06
N LEU B 16 -3.21 5.85 -24.78
CA LEU B 16 -4.49 6.25 -24.24
C LEU B 16 -4.14 7.36 -23.26
N ILE B 17 -4.72 8.52 -23.47
CA ILE B 17 -4.50 9.62 -22.57
C ILE B 17 -5.74 9.67 -21.69
N VAL B 18 -5.53 9.51 -20.39
CA VAL B 18 -6.63 9.54 -19.45
C VAL B 18 -6.42 10.83 -18.67
N GLU B 19 -7.31 11.80 -18.88
CA GLU B 19 -7.18 13.06 -18.19
C GLU B 19 -8.28 13.27 -17.16
N ALA B 20 -7.88 13.74 -15.98
CA ALA B 20 -8.84 14.03 -14.94
C ALA B 20 -8.97 15.53 -15.08
N ARG B 21 -10.18 16.04 -15.27
CA ARG B 21 -10.30 17.47 -15.42
C ARG B 21 -11.37 18.18 -14.61
N PHE B 22 -10.92 19.20 -13.89
CA PHE B 22 -11.77 20.05 -13.08
C PHE B 22 -11.54 21.46 -13.62
N TYR B 23 -10.26 21.82 -13.71
CA TYR B 23 -9.87 23.13 -14.22
C TYR B 23 -9.66 23.02 -15.72
N ASP B 24 -10.76 23.10 -16.47
CA ASP B 24 -10.72 22.98 -17.93
C ASP B 24 -9.53 23.65 -18.58
N ASP B 25 -9.11 24.80 -18.07
CA ASP B 25 -7.99 25.53 -18.63
C ASP B 25 -6.65 24.81 -18.44
N LEU B 26 -6.40 24.34 -17.22
CA LEU B 26 -5.17 23.62 -16.94
C LEU B 26 -5.16 22.30 -17.71
N ALA B 27 -6.29 21.60 -17.71
CA ALA B 27 -6.41 20.32 -18.41
C ALA B 27 -6.08 20.51 -19.88
N ASP B 28 -6.58 21.60 -20.47
CA ASP B 28 -6.32 21.85 -21.88
C ASP B 28 -4.82 21.98 -22.11
N ALA B 29 -4.16 22.68 -21.20
CA ALA B 29 -2.72 22.86 -21.30
C ALA B 29 -2.01 21.52 -21.34
N LEU B 30 -2.20 20.73 -20.29
CA LEU B 30 -1.58 19.40 -20.20
C LEU B 30 -1.89 18.53 -21.41
N LEU B 31 -3.17 18.44 -21.77
CA LEU B 31 -3.59 17.63 -22.90
C LEU B 31 -2.81 18.11 -24.11
N ASP B 32 -2.87 19.41 -24.35
CA ASP B 32 -2.15 20.01 -25.47
C ASP B 32 -0.70 19.56 -25.47
N GLY B 33 -0.04 19.73 -24.32
CA GLY B 33 1.35 19.35 -24.19
C GLY B 33 1.59 17.88 -24.48
N ALA B 34 0.67 17.04 -24.03
CA ALA B 34 0.79 15.60 -24.24
C ALA B 34 0.62 15.26 -25.72
N LYS B 35 -0.49 15.72 -26.31
CA LYS B 35 -0.74 15.44 -27.71
C LYS B 35 0.41 15.90 -28.60
N ALA B 36 0.92 17.09 -28.33
CA ALA B 36 2.03 17.65 -29.10
C ALA B 36 3.24 16.73 -29.05
N ALA B 37 3.57 16.25 -27.86
CA ALA B 37 4.72 15.37 -27.68
C ALA B 37 4.52 14.03 -28.37
N LEU B 38 3.28 13.54 -28.41
CA LEU B 38 2.97 12.26 -29.04
C LEU B 38 2.91 12.38 -30.58
N ASP B 39 2.34 13.47 -31.07
CA ASP B 39 2.25 13.66 -32.52
C ASP B 39 3.66 13.84 -33.03
N GLU B 40 4.44 14.62 -32.29
CA GLU B 40 5.82 14.89 -32.67
C GLU B 40 6.63 13.61 -32.80
N ALA B 41 6.27 12.58 -32.04
CA ALA B 41 7.01 11.33 -32.11
C ALA B 41 6.32 10.40 -33.10
N GLY B 42 5.19 10.85 -33.64
CA GLY B 42 4.47 10.05 -34.60
C GLY B 42 3.56 9.01 -33.97
N ALA B 43 3.29 9.16 -32.68
CA ALA B 43 2.41 8.23 -31.98
C ALA B 43 0.98 8.72 -32.02
N THR B 44 0.04 7.80 -32.10
CA THR B 44 -1.36 8.15 -32.12
C THR B 44 -1.94 7.96 -30.73
N TYR B 45 -3.21 8.31 -30.56
CA TYR B 45 -3.81 8.20 -29.23
C TYR B 45 -5.29 8.49 -29.19
N ASP B 46 -5.94 8.00 -28.13
CA ASP B 46 -7.35 8.25 -27.89
C ASP B 46 -7.35 8.96 -26.55
N VAL B 47 -8.33 9.84 -26.36
CA VAL B 47 -8.43 10.59 -25.13
C VAL B 47 -9.76 10.30 -24.44
N VAL B 48 -9.70 10.01 -23.14
CA VAL B 48 -10.89 9.76 -22.34
C VAL B 48 -10.77 10.67 -21.12
N THR B 49 -11.90 11.12 -20.59
CA THR B 49 -11.92 12.03 -19.46
C THR B 49 -12.56 11.50 -18.20
N VAL B 50 -11.92 11.73 -17.05
CA VAL B 50 -12.46 11.30 -15.76
C VAL B 50 -12.60 12.52 -14.85
N PRO B 51 -13.39 12.41 -13.77
CA PRO B 51 -13.61 13.52 -12.83
C PRO B 51 -12.45 13.89 -11.93
N GLY B 52 -11.71 12.89 -11.48
CA GLY B 52 -10.60 13.17 -10.59
C GLY B 52 -9.40 12.30 -10.88
N ALA B 53 -8.25 12.66 -10.34
CA ALA B 53 -7.03 11.90 -10.57
C ALA B 53 -7.15 10.45 -10.11
N LEU B 54 -7.93 10.24 -9.04
CA LEU B 54 -8.12 8.90 -8.48
C LEU B 54 -8.86 7.90 -9.39
N GLU B 55 -9.60 8.40 -10.38
CA GLU B 55 -10.29 7.49 -11.29
C GLU B 55 -9.38 7.09 -12.45
N ILE B 56 -8.22 7.73 -12.55
CA ILE B 56 -7.32 7.42 -13.66
C ILE B 56 -6.82 5.98 -13.66
N PRO B 57 -6.34 5.49 -12.51
CA PRO B 57 -5.85 4.10 -12.47
C PRO B 57 -6.89 3.12 -12.96
N ALA B 58 -8.12 3.25 -12.48
CA ALA B 58 -9.18 2.35 -12.87
C ALA B 58 -9.51 2.46 -14.36
N THR B 59 -9.39 3.68 -14.89
CA THR B 59 -9.69 3.88 -16.30
C THR B 59 -8.71 3.06 -17.13
N ILE B 60 -7.42 3.24 -16.86
CA ILE B 60 -6.38 2.47 -17.54
C ILE B 60 -6.74 0.99 -17.39
N SER B 61 -7.16 0.61 -16.19
CA SER B 61 -7.55 -0.76 -15.93
C SER B 61 -8.67 -1.19 -16.87
N PHE B 62 -9.63 -0.30 -17.13
CA PHE B 62 -10.72 -0.62 -18.05
C PHE B 62 -10.14 -0.86 -19.46
N ALA B 63 -9.28 0.04 -19.92
CA ALA B 63 -8.65 -0.10 -21.23
C ALA B 63 -8.03 -1.49 -21.34
N LEU B 64 -7.08 -1.78 -20.45
CA LEU B 64 -6.41 -3.06 -20.44
C LEU B 64 -7.43 -4.18 -20.52
N ASP B 65 -8.48 -4.08 -19.71
CA ASP B 65 -9.52 -5.09 -19.70
C ASP B 65 -10.18 -5.20 -21.07
N GLY B 66 -10.62 -4.06 -21.59
CA GLY B 66 -11.27 -4.03 -22.88
C GLY B 66 -10.42 -4.59 -24.01
N ALA B 67 -9.12 -4.35 -23.96
CA ALA B 67 -8.24 -4.88 -25.00
C ALA B 67 -8.45 -6.38 -25.06
N ASP B 68 -8.44 -7.03 -23.90
CA ASP B 68 -8.65 -8.47 -23.83
C ASP B 68 -9.89 -8.96 -24.57
N ASN B 69 -10.87 -8.07 -24.77
CA ASN B 69 -12.10 -8.46 -25.47
C ASN B 69 -12.13 -7.86 -26.88
N GLY B 70 -10.99 -7.87 -27.56
CA GLY B 70 -10.93 -7.34 -28.91
C GLY B 70 -11.00 -5.83 -28.96
N GLY B 71 -10.87 -5.17 -27.80
CA GLY B 71 -10.92 -3.72 -27.75
C GLY B 71 -9.57 -3.10 -28.09
N THR B 72 -9.56 -1.78 -28.22
CA THR B 72 -8.33 -1.06 -28.56
C THR B 72 -7.13 -1.49 -27.73
N GLU B 73 -6.06 -1.85 -28.41
CA GLU B 73 -4.83 -2.25 -27.74
C GLU B 73 -3.95 -1.01 -27.63
N TYR B 74 -3.73 -0.53 -26.41
CA TYR B 74 -2.89 0.63 -26.22
C TYR B 74 -1.48 0.17 -25.88
N ASP B 75 -0.49 0.86 -26.45
CA ASP B 75 0.92 0.52 -26.20
C ASP B 75 1.42 1.20 -24.95
N GLY B 76 0.73 2.25 -24.54
CA GLY B 76 1.13 3.00 -23.36
C GLY B 76 0.01 3.92 -22.93
N PHE B 77 0.17 4.54 -21.77
CA PHE B 77 -0.86 5.42 -21.25
C PHE B 77 -0.23 6.66 -20.72
N VAL B 78 -0.99 7.74 -20.78
CA VAL B 78 -0.54 9.02 -20.27
C VAL B 78 -1.63 9.50 -19.35
N ALA B 79 -1.29 9.67 -18.08
CA ALA B 79 -2.26 10.12 -17.09
C ALA B 79 -2.03 11.59 -16.84
N LEU B 80 -3.10 12.37 -16.94
CA LEU B 80 -3.00 13.81 -16.74
C LEU B 80 -4.03 14.28 -15.73
N GLY B 81 -3.63 15.21 -14.89
CA GLY B 81 -4.53 15.75 -13.91
C GLY B 81 -3.79 16.80 -13.13
N THR B 82 -4.51 17.59 -12.35
CA THR B 82 -3.86 18.63 -11.55
C THR B 82 -4.52 18.69 -10.19
N VAL B 83 -3.74 18.43 -9.16
CA VAL B 83 -4.23 18.48 -7.79
C VAL B 83 -3.57 19.66 -7.12
N ILE B 84 -4.35 20.71 -6.89
CA ILE B 84 -3.85 21.92 -6.28
C ILE B 84 -4.17 21.91 -4.78
N ARG B 85 -3.14 21.79 -3.96
CA ARG B 85 -3.31 21.78 -2.51
C ARG B 85 -3.93 23.09 -2.04
N GLY B 86 -5.18 23.03 -1.61
CA GLY B 86 -5.87 24.22 -1.15
C GLY B 86 -5.65 24.50 0.33
N GLU B 87 -6.73 24.72 1.05
CA GLU B 87 -6.67 24.99 2.47
C GLU B 87 -6.94 23.72 3.29
N THR B 88 -7.56 22.74 2.64
CA THR B 88 -7.88 21.47 3.28
C THR B 88 -6.79 20.45 3.00
N TYR B 89 -6.82 19.34 3.73
CA TYR B 89 -5.84 18.28 3.56
C TYR B 89 -6.35 17.19 2.62
N HIS B 90 -7.58 17.34 2.14
CA HIS B 90 -8.16 16.35 1.23
C HIS B 90 -7.62 16.52 -0.18
N PHE B 91 -6.38 16.96 -0.30
CA PHE B 91 -5.76 17.14 -1.61
C PHE B 91 -4.51 16.29 -1.61
N ASP B 92 -3.92 16.14 -0.44
CA ASP B 92 -2.71 15.35 -0.28
C ASP B 92 -3.10 13.87 -0.37
N ILE B 93 -4.35 13.57 -0.03
CA ILE B 93 -4.84 12.20 -0.11
C ILE B 93 -4.91 11.82 -1.59
N VAL B 94 -5.70 12.58 -2.34
CA VAL B 94 -5.87 12.35 -3.76
C VAL B 94 -4.52 12.28 -4.46
N SER B 95 -3.65 13.22 -4.14
CA SER B 95 -2.33 13.28 -4.74
C SER B 95 -1.52 12.03 -4.44
N ASN B 96 -1.49 11.65 -3.16
CA ASN B 96 -0.77 10.46 -2.70
C ASN B 96 -1.25 9.14 -3.31
N GLU B 97 -2.55 8.89 -3.19
CA GLU B 97 -3.12 7.64 -3.68
C GLU B 97 -3.18 7.47 -5.19
N SER B 98 -3.17 8.56 -5.95
CA SER B 98 -3.21 8.46 -7.40
C SER B 98 -1.82 8.11 -7.92
N CYS B 99 -0.80 8.73 -7.33
CA CYS B 99 0.56 8.44 -7.74
C CYS B 99 0.88 7.02 -7.33
N ARG B 100 0.40 6.63 -6.15
CA ARG B 100 0.62 5.28 -5.65
C ARG B 100 -0.05 4.25 -6.55
N ALA B 101 -1.32 4.48 -6.85
CA ALA B 101 -2.06 3.54 -7.69
C ALA B 101 -1.48 3.38 -9.10
N LEU B 102 -1.01 4.46 -9.70
CA LEU B 102 -0.46 4.36 -11.06
C LEU B 102 0.86 3.58 -11.08
N THR B 103 1.73 3.90 -10.14
CA THR B 103 3.00 3.22 -10.03
C THR B 103 2.77 1.71 -9.91
N ASP B 104 1.81 1.32 -9.07
CA ASP B 104 1.49 -0.10 -8.87
C ASP B 104 0.94 -0.74 -10.12
N LEU B 105 0.00 -0.06 -10.77
CA LEU B 105 -0.59 -0.58 -12.01
C LEU B 105 0.49 -0.79 -13.07
N SER B 106 1.46 0.11 -13.14
CA SER B 106 2.53 0.00 -14.12
C SER B 106 3.39 -1.21 -13.84
N VAL B 107 3.61 -1.48 -12.56
CA VAL B 107 4.41 -2.64 -12.15
C VAL B 107 3.59 -3.90 -12.27
N GLU B 108 2.38 -3.86 -11.74
CA GLU B 108 1.49 -5.00 -11.73
C GLU B 108 1.14 -5.51 -13.13
N GLU B 109 0.86 -4.59 -14.05
CA GLU B 109 0.50 -4.96 -15.41
C GLU B 109 1.68 -4.84 -16.37
N SER B 110 2.82 -4.36 -15.88
CA SER B 110 4.00 -4.18 -16.73
C SER B 110 3.67 -3.37 -17.97
N ILE B 111 3.11 -2.19 -17.77
CA ILE B 111 2.76 -1.32 -18.88
C ILE B 111 3.52 -0.03 -18.76
N ALA B 112 3.54 0.72 -19.85
CA ALA B 112 4.20 2.00 -19.93
C ALA B 112 3.21 3.07 -19.53
N ILE B 113 3.51 3.78 -18.45
CA ILE B 113 2.61 4.83 -18.02
C ILE B 113 3.34 6.12 -17.81
N GLY B 114 2.86 7.17 -18.46
CA GLY B 114 3.48 8.47 -18.29
C GLY B 114 2.68 9.13 -17.20
N ASN B 115 3.33 9.51 -16.11
CA ASN B 115 2.60 10.13 -15.01
C ASN B 115 2.59 11.64 -15.17
N GLY B 116 1.46 12.17 -15.63
CA GLY B 116 1.33 13.61 -15.81
C GLY B 116 0.37 14.22 -14.81
N ILE B 117 0.23 13.58 -13.67
CA ILE B 117 -0.65 14.09 -12.62
C ILE B 117 0.15 15.13 -11.87
N LEU B 118 -0.27 16.38 -11.96
CA LEU B 118 0.43 17.48 -11.30
C LEU B 118 -0.06 17.74 -9.88
N THR B 119 0.90 17.91 -8.97
CA THR B 119 0.59 18.20 -7.59
C THR B 119 1.34 19.47 -7.22
N VAL B 120 0.67 20.60 -7.38
CA VAL B 120 1.26 21.89 -7.08
C VAL B 120 0.72 22.50 -5.81
N GLU B 121 1.32 23.61 -5.39
CA GLU B 121 0.89 24.30 -4.18
C GLU B 121 -0.23 25.28 -4.50
N ASN B 122 -0.12 25.95 -5.64
CA ASN B 122 -1.12 26.93 -6.08
C ASN B 122 -1.43 26.84 -7.57
N GLU B 123 -2.40 27.63 -8.02
CA GLU B 123 -2.77 27.64 -9.43
C GLU B 123 -1.64 28.12 -10.31
N GLU B 124 -1.01 29.22 -9.91
CA GLU B 124 0.09 29.78 -10.68
C GLU B 124 1.10 28.70 -11.08
N GLN B 125 1.49 27.87 -10.12
CA GLN B 125 2.44 26.80 -10.38
C GLN B 125 1.87 25.76 -11.34
N ALA B 126 0.57 25.50 -11.24
CA ALA B 126 -0.07 24.54 -12.11
C ALA B 126 0.22 24.94 -13.55
N TRP B 127 -0.01 26.22 -13.85
CA TRP B 127 0.22 26.74 -15.19
C TRP B 127 1.68 26.67 -15.61
N VAL B 128 2.58 26.85 -14.64
CA VAL B 128 4.01 26.79 -14.92
C VAL B 128 4.37 25.35 -15.32
N HIS B 129 3.63 24.40 -14.77
CA HIS B 129 3.85 22.99 -15.06
C HIS B 129 3.03 22.51 -16.24
N ALA B 130 1.83 23.08 -16.39
CA ALA B 130 0.90 22.71 -17.46
C ALA B 130 1.30 23.19 -18.85
N ARG B 131 1.59 24.48 -18.96
CA ARG B 131 1.96 25.08 -20.24
C ARG B 131 3.16 24.40 -20.87
N ARG B 132 3.02 24.05 -22.14
CA ARG B 132 4.10 23.39 -22.88
C ARG B 132 5.27 24.36 -23.07
N GLU B 133 4.97 25.65 -23.10
CA GLU B 133 6.01 26.67 -23.27
C GLU B 133 6.85 26.72 -21.99
N ASP B 134 6.28 26.22 -20.91
CA ASP B 134 6.95 26.22 -19.61
C ASP B 134 7.62 24.89 -19.30
N LYS B 135 7.22 24.27 -18.19
CA LYS B 135 7.80 23.01 -17.78
C LYS B 135 7.21 21.82 -18.53
N ASP B 136 6.24 22.11 -19.39
CA ASP B 136 5.60 21.09 -20.22
C ASP B 136 5.39 19.71 -19.56
N LYS B 137 4.85 19.70 -18.35
CA LYS B 137 4.62 18.42 -17.68
C LYS B 137 3.80 17.48 -18.52
N GLY B 138 2.84 18.01 -19.27
CA GLY B 138 2.02 17.17 -20.12
C GLY B 138 2.90 16.50 -21.18
N GLY B 139 3.79 17.29 -21.77
CA GLY B 139 4.69 16.76 -22.77
C GLY B 139 5.63 15.73 -22.14
N PHE B 140 6.13 16.05 -20.95
CA PHE B 140 7.03 15.14 -20.25
C PHE B 140 6.37 13.81 -19.92
N ALA B 141 5.10 13.85 -19.55
CA ALA B 141 4.38 12.64 -19.23
C ALA B 141 4.26 11.81 -20.50
N ALA B 142 3.94 12.47 -21.60
CA ALA B 142 3.80 11.80 -22.89
C ALA B 142 5.15 11.21 -23.29
N ARG B 143 6.21 12.01 -23.14
CA ARG B 143 7.55 11.54 -23.48
C ARG B 143 7.92 10.39 -22.56
N ALA B 144 7.60 10.55 -21.27
CA ALA B 144 7.86 9.51 -20.28
C ALA B 144 7.25 8.20 -20.77
N ALA B 145 5.99 8.27 -21.21
CA ALA B 145 5.29 7.09 -21.71
C ALA B 145 6.00 6.48 -22.91
N LEU B 146 6.42 7.32 -23.85
CA LEU B 146 7.13 6.82 -25.02
C LEU B 146 8.41 6.10 -24.59
N THR B 147 9.19 6.74 -23.72
CA THR B 147 10.42 6.14 -23.23
C THR B 147 10.09 4.76 -22.67
N MET B 148 9.12 4.70 -21.77
CA MET B 148 8.74 3.46 -21.15
C MET B 148 8.28 2.44 -22.19
N ILE B 149 7.67 2.92 -23.27
CA ILE B 149 7.23 2.01 -24.32
C ILE B 149 8.49 1.46 -24.98
N GLY B 150 9.44 2.34 -25.27
CA GLY B 150 10.67 1.91 -25.89
C GLY B 150 11.36 0.86 -25.05
N LEU B 151 11.51 1.15 -23.76
CA LEU B 151 12.14 0.23 -22.83
C LEU B 151 11.36 -1.07 -22.78
N ARG B 152 10.04 -0.96 -22.77
CA ARG B 152 9.18 -2.13 -22.72
C ARG B 152 9.43 -2.99 -23.95
N LYS B 153 9.74 -2.34 -25.07
CA LYS B 153 10.03 -3.06 -26.31
C LYS B 153 11.42 -3.67 -26.24
N LYS B 154 12.37 -2.87 -25.77
CA LYS B 154 13.76 -3.30 -25.65
C LYS B 154 13.90 -4.61 -24.89
N PHE B 155 13.33 -4.69 -23.69
CA PHE B 155 13.40 -5.90 -22.90
C PHE B 155 12.47 -6.96 -23.46
N GLY B 156 11.65 -6.55 -24.43
CA GLY B 156 10.71 -7.48 -25.03
C GLY B 156 9.63 -7.87 -24.04
N ALA B 157 9.20 -6.91 -23.23
CA ALA B 157 8.17 -7.16 -22.22
C ALA B 157 6.86 -7.61 -22.86
N ASP C 11 28.69 -17.09 -14.96
CA ASP C 11 28.84 -17.42 -13.51
C ASP C 11 28.74 -16.16 -12.66
N ALA C 12 29.44 -15.11 -13.06
CA ALA C 12 29.40 -13.85 -12.33
C ALA C 12 28.05 -13.18 -12.55
N PRO C 13 27.40 -12.75 -11.47
CA PRO C 13 26.09 -12.09 -11.58
C PRO C 13 26.04 -10.93 -12.56
N HIS C 14 25.00 -10.91 -13.38
CA HIS C 14 24.81 -9.85 -14.36
C HIS C 14 23.64 -8.99 -13.85
N LEU C 15 23.96 -7.77 -13.43
CA LEU C 15 22.98 -6.83 -12.89
C LEU C 15 22.36 -5.94 -13.96
N LEU C 16 21.21 -5.38 -13.64
CA LEU C 16 20.52 -4.45 -14.52
C LEU C 16 20.41 -3.15 -13.73
N ILE C 17 21.18 -2.15 -14.11
CA ILE C 17 21.14 -0.87 -13.42
C ILE C 17 20.08 0.00 -14.07
N VAL C 18 19.06 0.35 -13.28
CA VAL C 18 17.99 1.20 -13.78
C VAL C 18 18.15 2.56 -13.12
N GLU C 19 18.55 3.54 -13.92
CA GLU C 19 18.78 4.88 -13.41
C GLU C 19 17.72 5.87 -13.84
N ALA C 20 17.31 6.70 -12.89
CA ALA C 20 16.35 7.76 -13.16
C ALA C 20 17.21 9.01 -13.10
N ARG C 21 17.24 9.78 -14.18
CA ARG C 21 18.07 10.97 -14.16
C ARG C 21 17.43 12.25 -14.65
N PHE C 22 17.61 13.30 -13.87
CA PHE C 22 17.09 14.63 -14.17
C PHE C 22 18.28 15.55 -14.02
N TYR C 23 19.27 15.09 -13.28
CA TYR C 23 20.49 15.86 -13.04
C TYR C 23 21.66 15.05 -13.61
N ASP C 24 21.90 15.20 -14.91
CA ASP C 24 22.99 14.49 -15.58
C ASP C 24 24.22 14.37 -14.70
N ASP C 25 24.64 15.49 -14.13
CA ASP C 25 25.82 15.53 -13.26
C ASP C 25 25.68 14.58 -12.07
N LEU C 26 24.58 14.72 -11.34
CA LEU C 26 24.33 13.88 -10.17
C LEU C 26 24.22 12.40 -10.55
N ALA C 27 23.40 12.12 -11.54
CA ALA C 27 23.19 10.74 -12.00
C ALA C 27 24.52 10.10 -12.37
N ASP C 28 25.38 10.87 -13.05
CA ASP C 28 26.68 10.36 -13.46
C ASP C 28 27.48 9.94 -12.23
N ALA C 29 27.33 10.68 -11.14
CA ALA C 29 28.04 10.38 -9.91
C ALA C 29 27.56 9.02 -9.38
N LEU C 30 26.24 8.87 -9.26
CA LEU C 30 25.65 7.63 -8.77
C LEU C 30 25.98 6.47 -9.71
N LEU C 31 25.78 6.67 -11.01
CA LEU C 31 26.06 5.63 -11.98
C LEU C 31 27.50 5.17 -11.81
N ASP C 32 28.40 6.12 -11.72
CA ASP C 32 29.82 5.82 -11.53
C ASP C 32 29.99 5.06 -10.22
N GLY C 33 29.38 5.58 -9.17
CA GLY C 33 29.47 4.94 -7.87
C GLY C 33 29.06 3.48 -7.93
N ALA C 34 27.91 3.22 -8.55
CA ALA C 34 27.38 1.87 -8.68
C ALA C 34 28.27 1.00 -9.56
N LYS C 35 28.70 1.53 -10.69
CA LYS C 35 29.58 0.80 -11.60
C LYS C 35 30.89 0.46 -10.90
N ALA C 36 31.36 1.38 -10.08
CA ALA C 36 32.60 1.19 -9.35
C ALA C 36 32.55 -0.11 -8.54
N ALA C 37 31.70 -0.13 -7.53
CA ALA C 37 31.53 -1.29 -6.66
C ALA C 37 31.26 -2.57 -7.42
N LEU C 38 30.53 -2.46 -8.54
CA LEU C 38 30.21 -3.63 -9.35
C LEU C 38 31.44 -4.20 -10.05
N ASP C 39 32.29 -3.32 -10.56
CA ASP C 39 33.50 -3.74 -11.25
C ASP C 39 34.48 -4.37 -10.26
N GLU C 40 34.63 -3.75 -9.09
CA GLU C 40 35.52 -4.28 -8.08
C GLU C 40 35.05 -5.67 -7.66
N ALA C 41 33.75 -5.89 -7.74
CA ALA C 41 33.19 -7.19 -7.38
C ALA C 41 33.30 -8.11 -8.58
N GLY C 42 33.57 -7.52 -9.75
CA GLY C 42 33.70 -8.30 -10.96
C GLY C 42 32.39 -8.86 -11.45
N ALA C 43 31.37 -8.01 -11.55
CA ALA C 43 30.07 -8.43 -12.02
C ALA C 43 29.66 -7.62 -13.24
N THR C 44 29.19 -8.31 -14.26
CA THR C 44 28.76 -7.65 -15.50
C THR C 44 27.46 -6.89 -15.28
N TYR C 45 27.12 -5.99 -16.21
CA TYR C 45 25.90 -5.22 -16.06
C TYR C 45 25.50 -4.36 -17.26
N ASP C 46 24.20 -4.12 -17.40
CA ASP C 46 23.67 -3.27 -18.46
C ASP C 46 23.14 -2.03 -17.77
N VAL C 47 22.69 -1.05 -18.55
CA VAL C 47 22.17 0.18 -17.97
C VAL C 47 21.10 0.83 -18.84
N VAL C 48 19.92 1.01 -18.27
CA VAL C 48 18.82 1.66 -18.99
C VAL C 48 18.50 2.96 -18.26
N THR C 49 17.89 3.90 -18.95
CA THR C 49 17.57 5.18 -18.35
C THR C 49 16.07 5.45 -18.38
N VAL C 50 15.56 6.03 -17.30
CA VAL C 50 14.13 6.34 -17.21
C VAL C 50 13.90 7.78 -16.79
N PRO C 51 12.73 8.34 -17.16
CA PRO C 51 12.36 9.72 -16.84
C PRO C 51 12.42 10.07 -15.36
N GLY C 52 12.02 9.13 -14.51
CA GLY C 52 12.03 9.40 -13.08
C GLY C 52 12.07 8.16 -12.20
N ALA C 53 12.34 8.38 -10.92
CA ALA C 53 12.42 7.29 -9.96
C ALA C 53 11.19 6.39 -10.04
N LEU C 54 10.00 7.00 -10.15
CA LEU C 54 8.76 6.23 -10.23
C LEU C 54 8.68 5.24 -11.40
N GLU C 55 9.48 5.44 -12.43
CA GLU C 55 9.46 4.51 -13.55
C GLU C 55 10.44 3.36 -13.37
N ILE C 56 11.28 3.45 -12.33
CA ILE C 56 12.26 2.40 -12.09
C ILE C 56 11.62 1.03 -11.89
N PRO C 57 10.61 0.93 -11.00
CA PRO C 57 9.95 -0.34 -10.75
C PRO C 57 9.39 -0.98 -12.03
N ALA C 58 8.63 -0.21 -12.79
CA ALA C 58 8.04 -0.76 -14.00
C ALA C 58 9.13 -1.24 -14.94
N THR C 59 10.23 -0.50 -15.01
CA THR C 59 11.33 -0.88 -15.87
C THR C 59 11.82 -2.28 -15.50
N ILE C 60 12.13 -2.46 -14.22
CA ILE C 60 12.57 -3.74 -13.73
C ILE C 60 11.54 -4.79 -14.12
N SER C 61 10.27 -4.42 -13.98
CA SER C 61 9.17 -5.30 -14.33
C SER C 61 9.20 -5.67 -15.80
N PHE C 62 9.63 -4.73 -16.65
CA PHE C 62 9.74 -4.96 -18.08
C PHE C 62 10.83 -6.01 -18.33
N ALA C 63 11.97 -5.81 -17.67
CA ALA C 63 13.09 -6.72 -17.81
C ALA C 63 12.71 -8.13 -17.37
N LEU C 64 11.97 -8.25 -16.29
CA LEU C 64 11.58 -9.57 -15.81
C LEU C 64 10.69 -10.25 -16.85
N ASP C 65 9.75 -9.50 -17.40
CA ASP C 65 8.84 -10.03 -18.42
C ASP C 65 9.63 -10.46 -19.66
N GLY C 66 10.61 -9.63 -20.03
CA GLY C 66 11.43 -9.95 -21.19
C GLY C 66 12.21 -11.23 -20.96
N ALA C 67 12.87 -11.32 -19.81
CA ALA C 67 13.66 -12.48 -19.45
C ALA C 67 12.81 -13.74 -19.47
N ASP C 68 11.51 -13.57 -19.25
CA ASP C 68 10.58 -14.69 -19.25
C ASP C 68 10.22 -15.07 -20.68
N ASN C 69 10.64 -14.24 -21.62
CA ASN C 69 10.39 -14.48 -23.03
C ASN C 69 11.71 -14.82 -23.71
N GLY C 70 12.67 -15.29 -22.91
CA GLY C 70 13.97 -15.67 -23.44
C GLY C 70 15.00 -14.56 -23.41
N GLY C 71 14.60 -13.36 -23.03
CA GLY C 71 15.51 -12.24 -22.98
C GLY C 71 16.59 -12.39 -21.93
N THR C 72 17.34 -11.33 -21.68
CA THR C 72 18.40 -11.34 -20.69
C THR C 72 17.85 -11.71 -19.31
N GLU C 73 18.43 -12.73 -18.70
CA GLU C 73 17.99 -13.19 -17.38
C GLU C 73 18.87 -12.60 -16.28
N TYR C 74 18.60 -11.35 -15.90
CA TYR C 74 19.39 -10.66 -14.88
C TYR C 74 19.40 -11.35 -13.52
N ASP C 75 20.53 -11.24 -12.82
CA ASP C 75 20.69 -11.84 -11.50
C ASP C 75 20.27 -10.86 -10.42
N GLY C 76 20.35 -9.57 -10.71
CA GLY C 76 19.97 -8.55 -9.74
C GLY C 76 19.74 -7.21 -10.40
N PHE C 77 19.24 -6.24 -9.63
CA PHE C 77 18.98 -4.91 -10.16
C PHE C 77 19.44 -3.84 -9.20
N VAL C 78 19.86 -2.70 -9.75
CA VAL C 78 20.30 -1.59 -8.95
C VAL C 78 19.44 -0.41 -9.38
N ALA C 79 18.82 0.24 -8.41
CA ALA C 79 17.96 1.37 -8.72
C ALA C 79 18.66 2.64 -8.32
N LEU C 80 18.89 3.51 -9.29
CA LEU C 80 19.57 4.77 -9.02
C LEU C 80 18.69 5.94 -9.39
N GLY C 81 18.71 6.97 -8.56
CA GLY C 81 17.92 8.14 -8.82
C GLY C 81 18.11 9.13 -7.71
N THR C 82 17.76 10.38 -7.95
CA THR C 82 17.92 11.40 -6.94
C THR C 82 16.67 12.25 -6.82
N VAL C 83 16.16 12.35 -5.59
CA VAL C 83 14.97 13.13 -5.31
C VAL C 83 15.32 14.18 -4.26
N ILE C 84 15.18 15.45 -4.64
CA ILE C 84 15.47 16.56 -3.76
C ILE C 84 14.16 17.26 -3.38
N ARG C 85 13.96 17.53 -2.09
CA ARG C 85 12.75 18.20 -1.64
C ARG C 85 12.86 19.71 -1.86
N GLY C 86 12.39 20.17 -3.02
CA GLY C 86 12.46 21.59 -3.33
C GLY C 86 11.38 22.42 -2.67
N GLU C 87 10.51 23.02 -3.49
CA GLU C 87 9.43 23.86 -2.98
C GLU C 87 8.07 23.31 -3.39
N THR C 88 8.07 22.38 -4.35
CA THR C 88 6.83 21.78 -4.82
C THR C 88 6.55 20.50 -4.03
N TYR C 89 5.30 20.05 -4.04
CA TYR C 89 4.91 18.84 -3.33
C TYR C 89 5.18 17.59 -4.15
N HIS C 90 5.59 17.76 -5.40
CA HIS C 90 5.88 16.63 -6.26
C HIS C 90 7.28 16.07 -6.00
N PHE C 91 7.54 15.70 -4.75
CA PHE C 91 8.83 15.14 -4.38
C PHE C 91 8.68 14.13 -3.25
N ASP C 92 7.99 14.51 -2.18
CA ASP C 92 7.78 13.62 -1.06
C ASP C 92 7.03 12.37 -1.50
N ILE C 93 6.15 12.52 -2.48
CA ILE C 93 5.39 11.40 -3.00
C ILE C 93 6.27 10.43 -3.78
N VAL C 94 7.14 10.99 -4.62
CA VAL C 94 8.05 10.20 -5.43
C VAL C 94 8.93 9.32 -4.57
N SER C 95 9.56 9.93 -3.58
CA SER C 95 10.46 9.22 -2.67
C SER C 95 9.78 8.06 -1.97
N ASN C 96 8.61 8.30 -1.40
CA ASN C 96 7.87 7.27 -0.69
C ASN C 96 7.42 6.14 -1.60
N GLU C 97 6.64 6.49 -2.62
CA GLU C 97 6.13 5.49 -3.55
C GLU C 97 7.18 4.69 -4.30
N SER C 98 8.31 5.30 -4.61
CA SER C 98 9.35 4.56 -5.33
C SER C 98 9.92 3.50 -4.39
N CYS C 99 10.27 3.91 -3.18
CA CYS C 99 10.81 3.00 -2.20
C CYS C 99 9.79 1.89 -1.92
N ARG C 100 8.52 2.24 -1.92
CA ARG C 100 7.44 1.29 -1.68
C ARG C 100 7.34 0.27 -2.81
N ALA C 101 7.26 0.76 -4.05
CA ALA C 101 7.15 -0.10 -5.21
C ALA C 101 8.35 -1.02 -5.34
N LEU C 102 9.54 -0.46 -5.22
CA LEU C 102 10.75 -1.27 -5.31
C LEU C 102 10.70 -2.39 -4.28
N THR C 103 10.40 -2.03 -3.03
CA THR C 103 10.35 -3.02 -1.98
C THR C 103 9.32 -4.11 -2.25
N ASP C 104 8.13 -3.72 -2.70
CA ASP C 104 7.08 -4.71 -3.02
C ASP C 104 7.50 -5.60 -4.17
N LEU C 105 8.06 -4.97 -5.20
CA LEU C 105 8.52 -5.70 -6.36
C LEU C 105 9.54 -6.75 -5.92
N SER C 106 10.44 -6.35 -5.03
CA SER C 106 11.47 -7.26 -4.54
C SER C 106 10.88 -8.49 -3.84
N VAL C 107 9.79 -8.29 -3.10
CA VAL C 107 9.13 -9.40 -2.39
C VAL C 107 8.26 -10.21 -3.35
N GLU C 108 7.46 -9.50 -4.13
CA GLU C 108 6.56 -10.12 -5.10
C GLU C 108 7.31 -10.99 -6.10
N GLU C 109 8.38 -10.45 -6.68
CA GLU C 109 9.16 -11.18 -7.67
C GLU C 109 10.35 -11.93 -7.08
N SER C 110 10.49 -11.89 -5.76
CA SER C 110 11.60 -12.56 -5.08
C SER C 110 12.90 -12.28 -5.78
N ILE C 111 13.22 -11.00 -5.95
CA ILE C 111 14.46 -10.64 -6.64
C ILE C 111 15.36 -9.74 -5.81
N ALA C 112 16.63 -9.72 -6.17
CA ALA C 112 17.63 -8.89 -5.51
C ALA C 112 17.58 -7.49 -6.12
N ILE C 113 17.42 -6.48 -5.29
CA ILE C 113 17.35 -5.11 -5.76
C ILE C 113 18.11 -4.15 -4.86
N GLY C 114 19.14 -3.53 -5.41
CA GLY C 114 19.93 -2.58 -4.65
C GLY C 114 19.22 -1.25 -4.77
N ASN C 115 18.87 -0.66 -3.63
CA ASN C 115 18.14 0.60 -3.64
C ASN C 115 19.03 1.82 -3.53
N GLY C 116 19.27 2.46 -4.67
CA GLY C 116 20.10 3.65 -4.69
C GLY C 116 19.29 4.89 -4.98
N ILE C 117 18.02 4.89 -4.60
CA ILE C 117 17.17 6.05 -4.84
C ILE C 117 17.36 7.00 -3.65
N LEU C 118 18.26 7.95 -3.81
CA LEU C 118 18.59 8.90 -2.76
C LEU C 118 17.55 10.00 -2.58
N THR C 119 17.21 10.25 -1.32
CA THR C 119 16.25 11.28 -0.96
C THR C 119 17.00 12.38 -0.22
N VAL C 120 17.42 13.41 -0.96
CA VAL C 120 18.17 14.51 -0.39
C VAL C 120 17.35 15.79 -0.22
N GLU C 121 17.66 16.55 0.82
CA GLU C 121 16.95 17.79 1.11
C GLU C 121 17.29 18.88 0.09
N ASN C 122 18.57 19.24 0.01
CA ASN C 122 19.03 20.26 -0.91
C ASN C 122 19.95 19.67 -1.98
N GLU C 123 20.41 20.51 -2.90
CA GLU C 123 21.29 20.07 -3.97
C GLU C 123 22.66 19.63 -3.44
N GLU C 124 23.08 20.22 -2.34
CA GLU C 124 24.37 19.88 -1.73
C GLU C 124 24.42 18.41 -1.34
N GLN C 125 23.58 18.01 -0.39
CA GLN C 125 23.54 16.63 0.06
C GLN C 125 23.39 15.64 -1.09
N ALA C 126 22.92 16.14 -2.24
CA ALA C 126 22.75 15.30 -3.41
C ALA C 126 24.11 14.78 -3.86
N TRP C 127 25.09 15.67 -3.87
CA TRP C 127 26.44 15.31 -4.26
C TRP C 127 27.18 14.63 -3.13
N VAL C 128 26.97 15.09 -1.90
CA VAL C 128 27.63 14.48 -0.77
C VAL C 128 27.37 12.97 -0.88
N HIS C 129 26.11 12.63 -1.11
CA HIS C 129 25.67 11.24 -1.25
C HIS C 129 25.96 10.63 -2.62
N ALA C 130 26.03 11.48 -3.64
CA ALA C 130 26.29 11.05 -5.01
C ALA C 130 27.67 10.46 -5.22
N ARG C 131 28.69 11.33 -5.20
CA ARG C 131 30.09 10.90 -5.39
C ARG C 131 30.41 9.61 -4.65
N ARG C 132 31.32 8.83 -5.21
CA ARG C 132 31.72 7.56 -4.60
C ARG C 132 32.83 7.81 -3.58
N GLU C 133 33.44 8.98 -3.66
CA GLU C 133 34.52 9.35 -2.76
C GLU C 133 33.94 9.69 -1.38
N ASP C 134 32.86 10.46 -1.39
CA ASP C 134 32.20 10.86 -0.15
C ASP C 134 31.29 9.77 0.38
N LYS C 135 29.97 9.98 0.29
CA LYS C 135 29.01 9.00 0.78
C LYS C 135 28.98 7.75 -0.11
N ASP C 136 28.99 7.95 -1.41
CA ASP C 136 28.98 6.85 -2.37
C ASP C 136 27.71 6.01 -2.27
N LYS C 137 26.57 6.67 -2.14
CA LYS C 137 25.31 5.96 -2.02
C LYS C 137 25.04 5.06 -3.21
N GLY C 138 25.62 5.40 -4.36
CA GLY C 138 25.43 4.58 -5.54
C GLY C 138 26.23 3.30 -5.35
N GLY C 139 27.31 3.41 -4.59
CA GLY C 139 28.16 2.26 -4.32
C GLY C 139 27.44 1.28 -3.44
N PHE C 140 26.94 1.75 -2.31
CA PHE C 140 26.21 0.89 -1.38
C PHE C 140 25.08 0.18 -2.12
N ALA C 141 24.38 0.92 -2.98
CA ALA C 141 23.29 0.35 -3.74
C ALA C 141 23.73 -0.92 -4.46
N ALA C 142 24.89 -0.86 -5.11
CA ALA C 142 25.40 -2.02 -5.84
C ALA C 142 25.75 -3.16 -4.88
N ARG C 143 26.48 -2.82 -3.82
CA ARG C 143 26.86 -3.83 -2.82
C ARG C 143 25.59 -4.44 -2.25
N ALA C 144 24.62 -3.59 -1.90
CA ALA C 144 23.36 -4.05 -1.37
C ALA C 144 22.80 -5.06 -2.37
N ALA C 145 22.78 -4.65 -3.64
CA ALA C 145 22.29 -5.52 -4.71
C ALA C 145 23.03 -6.85 -4.69
N LEU C 146 24.35 -6.80 -4.78
CA LEU C 146 25.16 -8.01 -4.75
C LEU C 146 24.92 -8.79 -3.46
N THR C 147 24.86 -8.07 -2.34
CA THR C 147 24.61 -8.70 -1.05
C THR C 147 23.32 -9.50 -1.19
N MET C 148 22.30 -8.84 -1.71
CA MET C 148 21.01 -9.46 -1.92
C MET C 148 21.11 -10.60 -2.92
N ILE C 149 21.90 -10.42 -3.97
CA ILE C 149 22.06 -11.48 -4.96
C ILE C 149 22.66 -12.69 -4.25
N GLY C 150 23.59 -12.42 -3.35
CA GLY C 150 24.22 -13.49 -2.59
C GLY C 150 23.20 -14.32 -1.84
N LEU C 151 22.33 -13.64 -1.09
CA LEU C 151 21.30 -14.34 -0.32
C LEU C 151 20.35 -15.06 -1.27
N ARG C 152 19.94 -14.36 -2.32
CA ARG C 152 19.03 -14.96 -3.28
C ARG C 152 19.62 -16.29 -3.74
N LYS C 153 20.93 -16.30 -3.96
CA LYS C 153 21.60 -17.52 -4.40
C LYS C 153 21.60 -18.50 -3.24
N LYS C 154 22.09 -18.05 -2.10
CA LYS C 154 22.16 -18.87 -0.89
C LYS C 154 20.87 -19.67 -0.70
N PHE C 155 19.73 -18.99 -0.69
CA PHE C 155 18.45 -19.68 -0.50
C PHE C 155 18.00 -20.44 -1.73
N GLY C 156 18.75 -20.32 -2.81
CA GLY C 156 18.39 -21.02 -4.04
C GLY C 156 16.97 -20.69 -4.45
N ALA C 157 16.58 -19.42 -4.26
CA ALA C 157 15.25 -18.98 -4.62
C ALA C 157 15.08 -19.04 -6.14
N ALA D 12 10.87 -29.71 16.41
CA ALA D 12 11.05 -28.32 16.91
C ALA D 12 11.16 -27.34 15.74
N PRO D 13 10.50 -26.18 15.85
CA PRO D 13 10.47 -25.12 14.84
C PRO D 13 11.85 -24.60 14.47
N HIS D 14 12.12 -24.54 13.18
CA HIS D 14 13.39 -24.02 12.68
C HIS D 14 13.08 -22.66 12.08
N LEU D 15 13.53 -21.59 12.74
CA LEU D 15 13.27 -20.22 12.30
C LEU D 15 14.40 -19.66 11.48
N LEU D 16 14.09 -18.63 10.71
CA LEU D 16 15.10 -17.95 9.91
C LEU D 16 15.16 -16.54 10.45
N ILE D 17 16.33 -16.17 10.95
CA ILE D 17 16.55 -14.84 11.50
C ILE D 17 17.18 -13.96 10.45
N VAL D 18 16.46 -12.93 10.02
CA VAL D 18 16.99 -12.02 9.03
C VAL D 18 17.25 -10.71 9.75
N GLU D 19 18.50 -10.29 9.79
CA GLU D 19 18.87 -9.06 10.46
C GLU D 19 19.49 -8.05 9.51
N ALA D 20 19.24 -6.78 9.79
CA ALA D 20 19.79 -5.70 9.01
C ALA D 20 20.75 -5.05 9.98
N ARG D 21 21.99 -4.81 9.57
CA ARG D 21 22.93 -4.19 10.49
C ARG D 21 23.77 -3.09 9.88
N PHE D 22 23.78 -1.96 10.58
CA PHE D 22 24.55 -0.79 10.18
C PHE D 22 25.44 -0.47 11.37
N TYR D 23 24.90 -0.73 12.57
CA TYR D 23 25.61 -0.49 13.81
C TYR D 23 25.87 -1.85 14.46
N ASP D 24 26.87 -2.57 13.97
CA ASP D 24 27.21 -3.89 14.50
C ASP D 24 26.81 -4.09 15.95
N ASP D 25 27.20 -3.16 16.81
CA ASP D 25 26.89 -3.23 18.22
C ASP D 25 25.40 -3.47 18.48
N LEU D 26 24.58 -2.45 18.23
CA LEU D 26 23.14 -2.55 18.43
C LEU D 26 22.55 -3.81 17.84
N ALA D 27 23.05 -4.22 16.67
CA ALA D 27 22.56 -5.41 15.99
C ALA D 27 22.83 -6.68 16.79
N ASP D 28 23.92 -6.68 17.56
CA ASP D 28 24.25 -7.85 18.37
C ASP D 28 23.28 -7.99 19.53
N ALA D 29 23.02 -6.88 20.21
CA ALA D 29 22.09 -6.90 21.33
C ALA D 29 20.78 -7.52 20.86
N LEU D 30 20.39 -7.21 19.62
CA LEU D 30 19.16 -7.74 19.07
C LEU D 30 19.26 -9.19 18.65
N LEU D 31 20.35 -9.54 17.99
CA LEU D 31 20.53 -10.92 17.56
C LEU D 31 20.68 -11.81 18.79
N ASP D 32 21.33 -11.26 19.82
CA ASP D 32 21.54 -11.96 21.08
C ASP D 32 20.18 -12.22 21.71
N GLY D 33 19.34 -11.19 21.75
CA GLY D 33 18.01 -11.35 22.31
C GLY D 33 17.20 -12.38 21.53
N ALA D 34 17.19 -12.25 20.20
CA ALA D 34 16.45 -13.19 19.37
C ALA D 34 16.95 -14.61 19.55
N LYS D 35 18.26 -14.80 19.45
CA LYS D 35 18.84 -16.12 19.61
C LYS D 35 18.54 -16.72 20.97
N ALA D 36 18.63 -15.89 22.00
CA ALA D 36 18.36 -16.37 23.35
C ALA D 36 16.94 -16.93 23.43
N ALA D 37 15.97 -16.08 23.09
CA ALA D 37 14.56 -16.46 23.13
C ALA D 37 14.30 -17.75 22.36
N LEU D 38 14.92 -17.89 21.20
CA LEU D 38 14.71 -19.10 20.41
C LEU D 38 15.39 -20.31 21.06
N ASP D 39 16.57 -20.09 21.63
CA ASP D 39 17.29 -21.17 22.30
C ASP D 39 16.46 -21.66 23.48
N GLU D 40 16.09 -20.71 24.34
CA GLU D 40 15.32 -21.03 25.53
C GLU D 40 14.02 -21.79 25.23
N ALA D 41 13.43 -21.55 24.06
CA ALA D 41 12.20 -22.24 23.69
C ALA D 41 12.53 -23.56 22.98
N GLY D 42 13.82 -23.80 22.78
CA GLY D 42 14.22 -25.04 22.13
C GLY D 42 13.94 -25.02 20.66
N ALA D 43 14.04 -23.83 20.05
CA ALA D 43 13.81 -23.68 18.63
C ALA D 43 15.17 -23.53 17.95
N THR D 44 15.29 -24.09 16.76
CA THR D 44 16.53 -24.02 16.00
C THR D 44 16.42 -22.88 14.99
N TYR D 45 17.53 -22.49 14.38
CA TYR D 45 17.47 -21.38 13.45
C TYR D 45 18.76 -21.09 12.69
N ASP D 46 18.60 -20.38 11.58
CA ASP D 46 19.72 -19.96 10.75
C ASP D 46 19.70 -18.44 10.78
N VAL D 47 20.82 -17.81 10.47
CA VAL D 47 20.92 -16.35 10.49
C VAL D 47 21.58 -15.77 9.25
N VAL D 48 20.89 -14.84 8.59
CA VAL D 48 21.43 -14.18 7.41
C VAL D 48 21.46 -12.68 7.69
N THR D 49 22.25 -11.95 6.91
CA THR D 49 22.38 -10.52 7.10
C THR D 49 22.03 -9.72 5.85
N VAL D 50 21.47 -8.53 6.04
CA VAL D 50 21.11 -7.65 4.95
C VAL D 50 21.55 -6.25 5.35
N PRO D 51 21.81 -5.38 4.37
CA PRO D 51 22.26 -4.01 4.65
C PRO D 51 21.23 -3.08 5.29
N GLY D 52 19.96 -3.34 5.08
CA GLY D 52 18.94 -2.48 5.66
C GLY D 52 17.63 -3.17 5.94
N ALA D 53 16.81 -2.53 6.77
CA ALA D 53 15.52 -3.09 7.13
C ALA D 53 14.69 -3.38 5.89
N LEU D 54 14.76 -2.50 4.91
CA LEU D 54 14.00 -2.65 3.66
C LEU D 54 14.28 -3.93 2.88
N GLU D 55 15.44 -4.54 3.07
CA GLU D 55 15.77 -5.77 2.36
C GLU D 55 15.26 -7.04 3.07
N ILE D 56 14.88 -6.89 4.34
CA ILE D 56 14.39 -8.05 5.09
C ILE D 56 13.18 -8.72 4.44
N PRO D 57 12.20 -7.93 3.96
CA PRO D 57 11.03 -8.54 3.32
C PRO D 57 11.43 -9.44 2.15
N ALA D 58 12.28 -8.92 1.27
CA ALA D 58 12.72 -9.67 0.09
C ALA D 58 13.51 -10.93 0.47
N THR D 59 14.35 -10.82 1.49
CA THR D 59 15.14 -11.95 1.95
C THR D 59 14.20 -13.11 2.31
N ILE D 60 13.21 -12.83 3.14
CA ILE D 60 12.25 -13.85 3.55
C ILE D 60 11.64 -14.45 2.28
N SER D 61 11.34 -13.59 1.33
CA SER D 61 10.77 -14.00 0.06
C SER D 61 11.66 -15.05 -0.62
N PHE D 62 12.96 -14.78 -0.65
CA PHE D 62 13.91 -15.72 -1.25
C PHE D 62 13.76 -17.07 -0.55
N ALA D 63 13.94 -17.05 0.76
CA ALA D 63 13.82 -18.25 1.58
C ALA D 63 12.53 -18.98 1.24
N LEU D 64 11.44 -18.26 1.12
CA LEU D 64 10.16 -18.89 0.79
C LEU D 64 10.22 -19.55 -0.58
N ASP D 65 10.85 -18.89 -1.54
CA ASP D 65 10.96 -19.46 -2.88
C ASP D 65 11.92 -20.65 -2.81
N GLY D 66 13.05 -20.44 -2.15
CA GLY D 66 14.04 -21.51 -2.02
C GLY D 66 13.45 -22.78 -1.45
N ALA D 67 12.53 -22.66 -0.49
CA ALA D 67 11.92 -23.82 0.13
C ALA D 67 10.99 -24.52 -0.86
N ASP D 68 10.49 -23.77 -1.83
CA ASP D 68 9.61 -24.32 -2.85
C ASP D 68 10.43 -25.14 -3.83
N ASN D 69 11.74 -25.03 -3.72
CA ASN D 69 12.65 -25.78 -4.58
C ASN D 69 13.65 -26.56 -3.72
N GLY D 70 13.12 -27.38 -2.81
CA GLY D 70 13.96 -28.20 -1.94
C GLY D 70 14.85 -27.45 -0.97
N GLY D 71 14.56 -26.18 -0.74
CA GLY D 71 15.35 -25.39 0.19
C GLY D 71 14.90 -25.61 1.62
N THR D 72 15.52 -24.90 2.56
CA THR D 72 15.18 -25.03 3.96
C THR D 72 13.70 -24.68 4.16
N GLU D 73 13.00 -25.55 4.88
CA GLU D 73 11.56 -25.38 5.12
C GLU D 73 11.27 -24.65 6.44
N TYR D 74 11.60 -23.37 6.51
CA TYR D 74 11.39 -22.59 7.74
C TYR D 74 9.97 -22.57 8.29
N ASP D 75 9.85 -22.56 9.62
CA ASP D 75 8.55 -22.55 10.30
C ASP D 75 8.12 -21.13 10.61
N GLY D 76 9.10 -20.23 10.75
CA GLY D 76 8.80 -18.85 11.06
C GLY D 76 10.01 -17.99 10.78
N PHE D 77 9.84 -16.69 10.90
CA PHE D 77 10.93 -15.77 10.63
C PHE D 77 11.04 -14.72 11.71
N VAL D 78 12.23 -14.18 11.86
CA VAL D 78 12.46 -13.13 12.83
C VAL D 78 13.20 -11.98 12.14
N ALA D 79 12.55 -10.82 12.08
CA ALA D 79 13.14 -9.66 11.44
C ALA D 79 13.77 -8.75 12.48
N LEU D 80 15.04 -8.39 12.29
CA LEU D 80 15.73 -7.53 13.23
C LEU D 80 16.46 -6.40 12.53
N GLY D 81 16.32 -5.19 13.07
CA GLY D 81 16.99 -4.05 12.51
C GLY D 81 16.78 -2.86 13.42
N THR D 82 17.45 -1.76 13.13
CA THR D 82 17.31 -0.57 13.94
C THR D 82 17.22 0.64 13.00
N VAL D 83 16.21 1.47 13.21
CA VAL D 83 16.02 2.65 12.39
C VAL D 83 15.77 3.86 13.28
N ILE D 84 16.83 4.63 13.50
CA ILE D 84 16.78 5.81 14.35
C ILE D 84 16.45 7.05 13.51
N ARG D 85 15.55 7.88 14.00
CA ARG D 85 15.20 9.09 13.27
C ARG D 85 16.22 10.18 13.56
N GLY D 86 17.13 10.40 12.62
CA GLY D 86 18.15 11.42 12.79
C GLY D 86 17.74 12.74 12.18
N GLU D 87 18.37 13.10 11.08
CA GLU D 87 18.07 14.35 10.39
C GLU D 87 17.63 14.07 8.96
N THR D 88 18.34 13.17 8.29
CA THR D 88 18.02 12.81 6.91
C THR D 88 16.62 12.23 6.89
N TYR D 89 16.01 12.19 5.70
CA TYR D 89 14.66 11.67 5.55
C TYR D 89 14.68 10.17 5.24
N HIS D 90 15.86 9.65 4.93
CA HIS D 90 16.00 8.24 4.60
C HIS D 90 15.97 7.40 5.88
N PHE D 91 14.98 7.68 6.73
CA PHE D 91 14.81 6.95 7.98
C PHE D 91 13.34 6.61 8.16
N ASP D 92 12.50 7.64 8.18
CA ASP D 92 11.06 7.45 8.36
C ASP D 92 10.51 6.47 7.33
N ILE D 93 10.78 6.74 6.06
CA ILE D 93 10.29 5.89 4.98
C ILE D 93 10.73 4.44 5.15
N VAL D 94 11.97 4.23 5.57
CA VAL D 94 12.49 2.88 5.77
C VAL D 94 11.71 2.19 6.87
N SER D 95 11.30 2.95 7.88
CA SER D 95 10.57 2.39 8.99
C SER D 95 9.17 1.94 8.58
N ASN D 96 8.43 2.82 7.93
CA ASN D 96 7.07 2.48 7.48
C ASN D 96 7.05 1.31 6.51
N GLU D 97 7.77 1.43 5.41
CA GLU D 97 7.80 0.37 4.40
C GLU D 97 8.21 -1.00 4.90
N SER D 98 9.26 -1.06 5.71
CA SER D 98 9.75 -2.33 6.24
C SER D 98 8.62 -2.99 7.02
N CYS D 99 8.00 -2.22 7.90
CA CYS D 99 6.90 -2.72 8.71
C CYS D 99 5.77 -3.14 7.77
N ARG D 100 5.43 -2.23 6.85
CA ARG D 100 4.38 -2.50 5.90
C ARG D 100 4.63 -3.77 5.11
N ALA D 101 5.79 -3.82 4.44
CA ALA D 101 6.13 -4.98 3.62
C ALA D 101 6.17 -6.27 4.44
N LEU D 102 6.66 -6.20 5.68
CA LEU D 102 6.71 -7.37 6.53
C LEU D 102 5.30 -7.85 6.88
N THR D 103 4.45 -6.89 7.25
CA THR D 103 3.08 -7.23 7.62
C THR D 103 2.37 -7.85 6.44
N ASP D 104 2.50 -7.21 5.28
CA ASP D 104 1.87 -7.71 4.07
C ASP D 104 2.38 -9.11 3.77
N LEU D 105 3.69 -9.27 3.80
CA LEU D 105 4.27 -10.57 3.51
C LEU D 105 3.66 -11.63 4.39
N SER D 106 3.48 -11.33 5.68
CA SER D 106 2.94 -12.32 6.60
C SER D 106 1.50 -12.71 6.26
N VAL D 107 0.72 -11.74 5.82
CA VAL D 107 -0.66 -12.01 5.48
C VAL D 107 -0.69 -12.76 4.14
N GLU D 108 0.04 -12.22 3.18
CA GLU D 108 0.10 -12.78 1.83
C GLU D 108 0.56 -14.24 1.80
N GLU D 109 1.68 -14.53 2.46
CA GLU D 109 2.19 -15.90 2.48
C GLU D 109 1.66 -16.69 3.67
N SER D 110 0.84 -16.04 4.51
CA SER D 110 0.31 -16.71 5.69
C SER D 110 1.47 -17.33 6.46
N ILE D 111 2.43 -16.51 6.86
CA ILE D 111 3.58 -17.00 7.61
C ILE D 111 3.76 -16.29 8.93
N ALA D 112 4.50 -16.93 9.82
CA ALA D 112 4.80 -16.42 11.14
C ALA D 112 6.04 -15.56 11.07
N ILE D 113 5.88 -14.28 11.37
CA ILE D 113 7.02 -13.35 11.33
C ILE D 113 7.09 -12.56 12.62
N GLY D 114 8.24 -12.59 13.27
CA GLY D 114 8.42 -11.84 14.50
C GLY D 114 9.03 -10.53 14.06
N ASN D 115 8.33 -9.43 14.32
CA ASN D 115 8.84 -8.14 13.89
C ASN D 115 9.74 -7.52 14.94
N GLY D 116 11.05 -7.62 14.70
CA GLY D 116 12.02 -7.07 15.63
C GLY D 116 12.75 -5.87 15.05
N ILE D 117 12.09 -5.14 14.16
CA ILE D 117 12.69 -3.96 13.56
C ILE D 117 12.40 -2.78 14.47
N LEU D 118 13.43 -2.29 15.14
CA LEU D 118 13.30 -1.17 16.07
C LEU D 118 13.30 0.19 15.40
N THR D 119 12.38 1.04 15.83
CA THR D 119 12.27 2.38 15.30
C THR D 119 12.29 3.34 16.48
N VAL D 120 13.49 3.79 16.84
CA VAL D 120 13.65 4.71 17.96
C VAL D 120 13.94 6.13 17.50
N GLU D 121 14.10 7.04 18.46
CA GLU D 121 14.37 8.44 18.14
C GLU D 121 15.85 8.77 18.24
N ASN D 122 16.59 7.99 19.02
CA ASN D 122 18.01 8.22 19.20
C ASN D 122 18.78 6.95 19.58
N GLU D 123 20.10 7.03 19.47
CA GLU D 123 20.98 5.91 19.79
C GLU D 123 20.75 5.38 21.21
N GLU D 124 20.40 6.28 22.13
CA GLU D 124 20.17 5.90 23.52
C GLU D 124 18.99 4.93 23.64
N GLN D 125 17.86 5.31 23.04
CA GLN D 125 16.66 4.48 23.10
C GLN D 125 16.85 3.17 22.37
N ALA D 126 17.84 3.11 21.49
CA ALA D 126 18.13 1.89 20.73
C ALA D 126 18.53 0.74 21.64
N TRP D 127 19.44 1.02 22.57
CA TRP D 127 19.90 -0.02 23.50
C TRP D 127 18.88 -0.33 24.58
N VAL D 128 18.04 0.64 24.92
CA VAL D 128 17.01 0.46 25.93
C VAL D 128 15.98 -0.54 25.40
N HIS D 129 16.07 -0.86 24.11
CA HIS D 129 15.16 -1.80 23.46
C HIS D 129 15.92 -3.04 23.01
N ALA D 130 17.15 -2.84 22.54
CA ALA D 130 17.98 -3.93 22.03
C ALA D 130 18.43 -4.97 23.05
N ARG D 131 19.29 -4.55 23.98
CA ARG D 131 19.81 -5.45 25.01
C ARG D 131 18.72 -6.32 25.62
N ARG D 132 18.98 -7.62 25.70
CA ARG D 132 17.99 -8.53 26.29
C ARG D 132 17.89 -8.32 27.79
N GLU D 133 18.65 -7.34 28.29
CA GLU D 133 18.63 -7.01 29.71
C GLU D 133 17.57 -5.95 29.92
N ASP D 134 17.30 -5.18 28.87
CA ASP D 134 16.29 -4.11 28.92
C ASP D 134 14.96 -4.60 28.36
N LYS D 135 14.41 -3.86 27.41
CA LYS D 135 13.12 -4.23 26.81
C LYS D 135 13.23 -5.48 25.96
N ASP D 136 14.47 -5.90 25.67
CA ASP D 136 14.72 -7.12 24.90
C ASP D 136 13.82 -7.25 23.67
N LYS D 137 13.86 -6.25 22.79
CA LYS D 137 13.03 -6.30 21.59
C LYS D 137 13.33 -7.49 20.71
N GLY D 138 14.60 -7.89 20.64
CA GLY D 138 14.96 -9.06 19.84
C GLY D 138 14.31 -10.30 20.41
N GLY D 139 14.30 -10.41 21.74
CA GLY D 139 13.69 -11.57 22.38
C GLY D 139 12.20 -11.60 22.13
N PHE D 140 11.56 -10.44 22.27
CA PHE D 140 10.13 -10.34 22.04
C PHE D 140 9.79 -10.71 20.61
N ALA D 141 10.64 -10.30 19.67
CA ALA D 141 10.42 -10.61 18.26
C ALA D 141 10.45 -12.12 18.10
N ALA D 142 11.47 -12.75 18.64
CA ALA D 142 11.58 -14.19 18.54
C ALA D 142 10.35 -14.87 19.12
N ARG D 143 9.91 -14.41 20.29
CA ARG D 143 8.74 -14.98 20.95
C ARG D 143 7.48 -14.75 20.12
N ALA D 144 7.41 -13.59 19.48
CA ALA D 144 6.26 -13.29 18.64
C ALA D 144 6.23 -14.36 17.55
N ALA D 145 7.37 -14.56 16.91
CA ALA D 145 7.48 -15.56 15.85
C ALA D 145 6.96 -16.92 16.34
N LEU D 146 7.45 -17.35 17.50
CA LEU D 146 7.04 -18.64 18.06
C LEU D 146 5.56 -18.66 18.31
N THR D 147 5.03 -17.55 18.81
CA THR D 147 3.60 -17.44 19.09
C THR D 147 2.83 -17.67 17.80
N MET D 148 3.23 -16.95 16.74
CA MET D 148 2.58 -17.05 15.44
C MET D 148 2.70 -18.46 14.86
N ILE D 149 3.88 -19.06 15.01
CA ILE D 149 4.07 -20.42 14.53
C ILE D 149 3.05 -21.31 15.22
N GLY D 150 2.92 -21.14 16.55
CA GLY D 150 1.96 -21.93 17.30
C GLY D 150 0.53 -21.66 16.82
N LEU D 151 0.23 -20.39 16.54
CA LEU D 151 -1.11 -20.07 16.07
C LEU D 151 -1.31 -20.67 14.69
N ARG D 152 -0.28 -20.54 13.85
CA ARG D 152 -0.32 -21.06 12.50
C ARG D 152 -0.61 -22.57 12.50
N LYS D 153 -0.03 -23.28 13.45
CA LYS D 153 -0.25 -24.72 13.55
C LYS D 153 -1.64 -24.99 14.09
N LYS D 154 -1.99 -24.32 15.17
CA LYS D 154 -3.30 -24.51 15.77
C LYS D 154 -4.41 -24.44 14.71
N PHE D 155 -4.29 -23.48 13.79
CA PHE D 155 -5.31 -23.32 12.75
C PHE D 155 -5.17 -24.27 11.58
N GLY D 156 -4.01 -24.89 11.45
CA GLY D 156 -3.80 -25.82 10.36
C GLY D 156 -3.69 -25.11 9.03
N ALA D 157 -2.97 -23.98 9.03
CA ALA D 157 -2.78 -23.20 7.81
C ALA D 157 -1.78 -23.90 6.89
N ASP E 11 -25.36 -22.50 12.67
CA ASP E 11 -26.46 -21.66 12.13
C ASP E 11 -26.24 -20.19 12.49
N ALA E 12 -25.96 -19.93 13.76
CA ALA E 12 -25.71 -18.56 14.21
C ALA E 12 -24.29 -18.20 13.81
N PRO E 13 -24.01 -16.89 13.68
CA PRO E 13 -22.67 -16.47 13.29
C PRO E 13 -21.61 -16.91 14.29
N HIS E 14 -20.50 -17.42 13.77
CA HIS E 14 -19.40 -17.84 14.60
C HIS E 14 -18.19 -17.05 14.13
N LEU E 15 -17.68 -16.16 14.98
CA LEU E 15 -16.52 -15.40 14.56
C LEU E 15 -15.27 -15.66 15.38
N LEU E 16 -14.14 -15.28 14.81
CA LEU E 16 -12.86 -15.45 15.48
C LEU E 16 -12.39 -14.10 16.02
N ILE E 17 -12.31 -13.98 17.33
CA ILE E 17 -11.84 -12.76 17.94
C ILE E 17 -10.33 -12.87 18.00
N VAL E 18 -9.62 -11.98 17.34
CA VAL E 18 -8.17 -12.00 17.40
C VAL E 18 -7.74 -10.78 18.18
N GLU E 19 -7.26 -11.03 19.38
CA GLU E 19 -6.83 -9.95 20.24
C GLU E 19 -5.33 -9.88 20.45
N ALA E 20 -4.81 -8.66 20.35
CA ALA E 20 -3.40 -8.41 20.60
C ALA E 20 -3.40 -7.88 22.03
N ARG E 21 -2.74 -8.57 22.95
CA ARG E 21 -2.73 -8.08 24.30
C ARG E 21 -1.37 -7.84 24.91
N PHE E 22 -1.13 -6.58 25.25
CA PHE E 22 0.09 -6.17 25.88
C PHE E 22 -0.37 -5.77 27.27
N TYR E 23 -1.43 -4.96 27.32
CA TYR E 23 -2.00 -4.53 28.59
C TYR E 23 -3.10 -5.53 28.89
N ASP E 24 -2.87 -6.43 29.83
CA ASP E 24 -3.86 -7.45 30.16
C ASP E 24 -5.23 -6.91 30.55
N ASP E 25 -5.27 -5.86 31.35
CA ASP E 25 -6.56 -5.31 31.77
C ASP E 25 -7.32 -4.68 30.62
N LEU E 26 -6.64 -3.83 29.86
CA LEU E 26 -7.27 -3.16 28.74
C LEU E 26 -7.83 -4.19 27.78
N ALA E 27 -7.05 -5.23 27.51
CA ALA E 27 -7.46 -6.29 26.61
C ALA E 27 -8.71 -6.98 27.13
N ASP E 28 -8.79 -7.20 28.44
CA ASP E 28 -9.97 -7.84 29.01
C ASP E 28 -11.17 -6.94 28.81
N ALA E 29 -10.97 -5.64 28.96
CA ALA E 29 -12.07 -4.71 28.76
C ALA E 29 -12.57 -4.78 27.31
N LEU E 30 -11.67 -4.70 26.34
CA LEU E 30 -12.08 -4.77 24.94
C LEU E 30 -12.79 -6.09 24.67
N LEU E 31 -12.16 -7.17 25.10
CA LEU E 31 -12.70 -8.49 24.92
C LEU E 31 -14.10 -8.58 25.54
N ASP E 32 -14.27 -8.02 26.73
CA ASP E 32 -15.59 -8.04 27.38
C ASP E 32 -16.58 -7.30 26.48
N GLY E 33 -16.14 -6.17 25.94
CA GLY E 33 -17.00 -5.41 25.05
C GLY E 33 -17.38 -6.25 23.84
N ALA E 34 -16.38 -6.82 23.18
CA ALA E 34 -16.60 -7.63 22.00
C ALA E 34 -17.51 -8.82 22.29
N LYS E 35 -17.21 -9.52 23.38
CA LYS E 35 -17.99 -10.68 23.78
C LYS E 35 -19.44 -10.33 24.11
N ALA E 36 -19.65 -9.24 24.84
CA ALA E 36 -21.00 -8.82 25.21
C ALA E 36 -21.84 -8.54 23.97
N ALA E 37 -21.26 -7.84 23.00
CA ALA E 37 -21.98 -7.52 21.76
C ALA E 37 -22.31 -8.78 20.97
N LEU E 38 -21.35 -9.71 20.90
CA LEU E 38 -21.55 -10.94 20.17
C LEU E 38 -22.61 -11.81 20.84
N ASP E 39 -22.58 -11.88 22.16
CA ASP E 39 -23.54 -12.70 22.89
C ASP E 39 -24.94 -12.12 22.71
N GLU E 40 -25.04 -10.80 22.77
CA GLU E 40 -26.31 -10.11 22.63
C GLU E 40 -26.98 -10.42 21.30
N ALA E 41 -26.18 -10.60 20.26
CA ALA E 41 -26.73 -10.91 18.94
C ALA E 41 -26.97 -12.39 18.76
N GLY E 42 -26.45 -13.20 19.66
CA GLY E 42 -26.65 -14.63 19.55
C GLY E 42 -25.54 -15.33 18.79
N ALA E 43 -24.47 -14.60 18.51
CA ALA E 43 -23.33 -15.15 17.77
C ALA E 43 -22.37 -15.83 18.71
N THR E 44 -21.55 -16.73 18.16
CA THR E 44 -20.57 -17.45 18.96
C THR E 44 -19.18 -17.06 18.50
N TYR E 45 -18.15 -17.48 19.22
CA TYR E 45 -16.79 -17.07 18.84
C TYR E 45 -15.71 -17.82 19.58
N ASP E 46 -14.53 -17.82 18.96
CA ASP E 46 -13.34 -18.40 19.55
C ASP E 46 -12.45 -17.19 19.74
N VAL E 47 -11.46 -17.30 20.63
CA VAL E 47 -10.56 -16.20 20.90
C VAL E 47 -9.12 -16.70 20.85
N VAL E 48 -8.26 -16.01 20.12
CA VAL E 48 -6.85 -16.34 20.05
C VAL E 48 -6.10 -15.04 20.35
N THR E 49 -4.90 -15.18 20.89
CA THR E 49 -4.11 -14.05 21.28
C THR E 49 -2.82 -13.96 20.49
N VAL E 50 -2.37 -12.74 20.24
CA VAL E 50 -1.14 -12.49 19.51
C VAL E 50 -0.44 -11.36 20.27
N PRO E 51 0.87 -11.24 20.11
CA PRO E 51 1.61 -10.18 20.80
C PRO E 51 1.24 -8.74 20.44
N GLY E 52 0.91 -8.49 19.19
CA GLY E 52 0.58 -7.12 18.82
C GLY E 52 -0.42 -6.97 17.69
N ALA E 53 -0.87 -5.74 17.51
CA ALA E 53 -1.84 -5.40 16.49
C ALA E 53 -1.34 -5.84 15.11
N LEU E 54 -0.04 -5.72 14.87
CA LEU E 54 0.52 -6.09 13.59
C LEU E 54 0.40 -7.58 13.24
N GLU E 55 0.20 -8.44 14.24
CA GLU E 55 0.07 -9.87 13.96
C GLU E 55 -1.38 -10.30 13.79
N ILE E 56 -2.32 -9.37 13.90
CA ILE E 56 -3.71 -9.76 13.76
C ILE E 56 -4.04 -10.14 12.32
N PRO E 57 -3.61 -9.34 11.33
CA PRO E 57 -3.93 -9.69 9.94
C PRO E 57 -3.47 -11.11 9.58
N ALA E 58 -2.21 -11.43 9.88
CA ALA E 58 -1.70 -12.79 9.60
C ALA E 58 -2.54 -13.85 10.33
N THR E 59 -2.83 -13.62 11.60
CA THR E 59 -3.62 -14.58 12.39
C THR E 59 -4.89 -14.93 11.61
N ILE E 60 -5.61 -13.90 11.18
CA ILE E 60 -6.84 -14.11 10.41
C ILE E 60 -6.48 -14.90 9.16
N SER E 61 -5.36 -14.53 8.55
CA SER E 61 -4.91 -15.23 7.36
C SER E 61 -4.74 -16.71 7.68
N PHE E 62 -4.21 -17.01 8.86
CA PHE E 62 -4.02 -18.41 9.28
C PHE E 62 -5.37 -19.12 9.36
N ALA E 63 -6.33 -18.49 10.01
CA ALA E 63 -7.65 -19.08 10.16
C ALA E 63 -8.31 -19.38 8.82
N LEU E 64 -8.18 -18.46 7.87
CA LEU E 64 -8.78 -18.66 6.56
C LEU E 64 -8.13 -19.87 5.90
N ASP E 65 -6.81 -19.95 5.95
CA ASP E 65 -6.09 -21.09 5.37
C ASP E 65 -6.53 -22.38 6.03
N GLY E 66 -6.52 -22.40 7.36
CA GLY E 66 -6.91 -23.57 8.09
C GLY E 66 -8.33 -24.04 7.78
N ALA E 67 -9.21 -23.09 7.46
CA ALA E 67 -10.59 -23.42 7.14
C ALA E 67 -10.66 -24.07 5.76
N ASP E 68 -9.69 -23.75 4.91
CA ASP E 68 -9.62 -24.34 3.58
C ASP E 68 -9.09 -25.78 3.71
N ASN E 69 -8.64 -26.12 4.91
CA ASN E 69 -8.11 -27.46 5.18
C ASN E 69 -8.95 -28.18 6.23
N GLY E 70 -10.27 -28.09 6.10
CA GLY E 70 -11.16 -28.76 7.03
C GLY E 70 -11.19 -28.12 8.40
N GLY E 71 -10.49 -26.99 8.55
CA GLY E 71 -10.47 -26.30 9.82
C GLY E 71 -11.76 -25.57 10.13
N THR E 72 -11.73 -24.72 11.16
CA THR E 72 -12.90 -23.96 11.57
C THR E 72 -13.27 -22.92 10.52
N GLU E 73 -14.55 -22.86 10.18
CA GLU E 73 -15.03 -21.91 9.19
C GLU E 73 -15.72 -20.73 9.87
N TYR E 74 -15.00 -19.63 10.06
CA TYR E 74 -15.54 -18.44 10.70
C TYR E 74 -16.36 -17.58 9.76
N ASP E 75 -17.42 -16.95 10.29
CA ASP E 75 -18.27 -16.09 9.49
C ASP E 75 -17.78 -14.66 9.48
N GLY E 76 -16.92 -14.35 10.45
CA GLY E 76 -16.39 -13.01 10.56
C GLY E 76 -15.30 -12.96 11.61
N PHE E 77 -14.62 -11.84 11.68
CA PHE E 77 -13.54 -11.68 12.62
C PHE E 77 -13.65 -10.36 13.33
N VAL E 78 -13.11 -10.33 14.53
CA VAL E 78 -13.07 -9.12 15.32
C VAL E 78 -11.62 -8.97 15.72
N ALA E 79 -11.06 -7.82 15.42
CA ALA E 79 -9.69 -7.54 15.75
C ALA E 79 -9.68 -6.56 16.90
N LEU E 80 -9.04 -6.96 17.99
CA LEU E 80 -8.98 -6.13 19.19
C LEU E 80 -7.53 -5.85 19.50
N GLY E 81 -7.23 -4.61 19.82
CA GLY E 81 -5.87 -4.26 20.15
C GLY E 81 -5.84 -2.88 20.75
N THR E 82 -4.78 -2.58 21.48
CA THR E 82 -4.64 -1.26 22.07
C THR E 82 -3.26 -0.68 21.81
N VAL E 83 -3.23 0.42 21.07
CA VAL E 83 -1.99 1.09 20.75
C VAL E 83 -1.98 2.45 21.46
N ILE E 84 -1.04 2.62 22.38
CA ILE E 84 -0.96 3.85 23.13
C ILE E 84 0.24 4.65 22.65
N ARG E 85 0.00 5.83 22.08
CA ARG E 85 1.09 6.66 21.59
C ARG E 85 2.01 7.02 22.75
N GLY E 86 2.98 6.15 23.01
CA GLY E 86 3.92 6.38 24.09
C GLY E 86 4.99 7.38 23.72
N GLU E 87 6.21 7.15 24.21
CA GLU E 87 7.32 8.05 23.93
C GLU E 87 8.05 7.66 22.64
N THR E 88 8.05 6.37 22.34
CA THR E 88 8.72 5.86 21.14
C THR E 88 7.89 6.16 19.89
N TYR E 89 8.56 6.20 18.74
CA TYR E 89 7.91 6.47 17.47
C TYR E 89 7.26 5.20 16.92
N HIS E 90 7.59 4.07 17.53
CA HIS E 90 7.04 2.79 17.09
C HIS E 90 5.63 2.58 17.60
N PHE E 91 4.70 3.41 17.13
CA PHE E 91 3.30 3.32 17.52
C PHE E 91 2.41 3.81 16.38
N ASP E 92 2.80 4.92 15.77
CA ASP E 92 2.04 5.47 14.65
C ASP E 92 2.12 4.50 13.49
N ILE E 93 3.22 3.75 13.45
CA ILE E 93 3.43 2.74 12.42
C ILE E 93 2.44 1.60 12.61
N VAL E 94 2.37 1.11 13.85
CA VAL E 94 1.46 0.02 14.18
C VAL E 94 0.02 0.41 13.91
N SER E 95 -0.31 1.66 14.22
CA SER E 95 -1.66 2.15 14.00
C SER E 95 -2.04 2.12 12.51
N ASN E 96 -1.21 2.73 11.67
CA ASN E 96 -1.44 2.78 10.24
C ASN E 96 -1.48 1.42 9.55
N GLU E 97 -0.39 0.66 9.66
CA GLU E 97 -0.28 -0.66 9.02
C GLU E 97 -1.31 -1.68 9.46
N SER E 98 -1.57 -1.78 10.76
CA SER E 98 -2.58 -2.73 11.25
C SER E 98 -3.89 -2.41 10.55
N CYS E 99 -4.27 -1.14 10.57
CA CYS E 99 -5.50 -0.70 9.92
C CYS E 99 -5.49 -1.05 8.44
N ARG E 100 -4.48 -0.58 7.75
CA ARG E 100 -4.33 -0.83 6.32
C ARG E 100 -4.30 -2.32 6.02
N ALA E 101 -3.53 -3.07 6.81
CA ALA E 101 -3.43 -4.52 6.60
C ALA E 101 -4.79 -5.18 6.77
N LEU E 102 -5.52 -4.78 7.79
CA LEU E 102 -6.85 -5.36 8.03
C LEU E 102 -7.81 -5.01 6.90
N THR E 103 -7.79 -3.74 6.50
CA THR E 103 -8.67 -3.27 5.45
C THR E 103 -8.43 -4.06 4.18
N ASP E 104 -7.18 -4.19 3.76
CA ASP E 104 -6.82 -4.95 2.56
C ASP E 104 -7.28 -6.40 2.66
N LEU E 105 -7.03 -7.01 3.81
CA LEU E 105 -7.38 -8.40 4.02
C LEU E 105 -8.87 -8.60 3.85
N SER E 106 -9.65 -7.66 4.37
CA SER E 106 -11.10 -7.75 4.28
C SER E 106 -11.55 -7.61 2.84
N VAL E 107 -10.83 -6.81 2.06
CA VAL E 107 -11.19 -6.63 0.68
C VAL E 107 -10.72 -7.85 -0.09
N GLU E 108 -9.42 -8.08 -0.02
CA GLU E 108 -8.77 -9.19 -0.71
C GLU E 108 -9.47 -10.52 -0.49
N GLU E 109 -9.85 -10.79 0.76
CA GLU E 109 -10.50 -12.05 1.07
C GLU E 109 -12.01 -11.95 1.21
N SER E 110 -12.58 -10.77 0.94
CA SER E 110 -14.03 -10.59 1.05
C SER E 110 -14.57 -11.15 2.35
N ILE E 111 -13.98 -10.73 3.48
CA ILE E 111 -14.46 -11.21 4.77
C ILE E 111 -14.90 -10.10 5.71
N ALA E 112 -15.77 -10.47 6.65
CA ALA E 112 -16.31 -9.56 7.63
C ALA E 112 -15.30 -9.34 8.74
N ILE E 113 -14.82 -8.11 8.88
CA ILE E 113 -13.86 -7.82 9.94
C ILE E 113 -14.24 -6.59 10.73
N GLY E 114 -14.46 -6.78 12.04
CA GLY E 114 -14.77 -5.65 12.89
C GLY E 114 -13.41 -5.16 13.34
N ASN E 115 -13.09 -3.89 13.03
CA ASN E 115 -11.80 -3.35 13.42
C ASN E 115 -11.84 -2.71 14.80
N GLY E 116 -11.32 -3.41 15.80
CA GLY E 116 -11.31 -2.90 17.16
C GLY E 116 -9.92 -2.62 17.69
N ILE E 117 -9.01 -2.24 16.79
CA ILE E 117 -7.66 -1.92 17.20
C ILE E 117 -7.71 -0.46 17.61
N LEU E 118 -7.60 -0.20 18.91
CA LEU E 118 -7.66 1.18 19.39
C LEU E 118 -6.35 1.86 19.21
N THR E 119 -6.41 3.15 18.91
CA THR E 119 -5.21 3.95 18.79
C THR E 119 -5.54 5.15 19.64
N VAL E 120 -5.01 5.17 20.86
CA VAL E 120 -5.27 6.24 21.80
C VAL E 120 -4.03 6.97 22.29
N GLU E 121 -4.24 8.18 22.79
CA GLU E 121 -3.14 8.99 23.26
C GLU E 121 -2.52 8.48 24.54
N ASN E 122 -3.32 7.96 25.46
CA ASN E 122 -2.77 7.46 26.72
C ASN E 122 -3.58 6.37 27.44
N GLU E 123 -3.12 6.01 28.63
CA GLU E 123 -3.79 4.97 29.42
C GLU E 123 -5.24 5.36 29.69
N GLU E 124 -5.43 6.60 30.12
CA GLU E 124 -6.75 7.13 30.39
C GLU E 124 -7.75 6.94 29.23
N GLN E 125 -7.40 7.41 28.04
CA GLN E 125 -8.29 7.25 26.89
C GLN E 125 -8.44 5.76 26.54
N ALA E 126 -7.41 4.98 26.80
CA ALA E 126 -7.47 3.56 26.52
C ALA E 126 -8.67 2.98 27.25
N TRP E 127 -8.78 3.27 28.54
CA TRP E 127 -9.90 2.78 29.33
C TRP E 127 -11.20 3.40 28.86
N VAL E 128 -11.19 4.70 28.59
CA VAL E 128 -12.40 5.36 28.11
C VAL E 128 -12.94 4.67 26.86
N HIS E 129 -12.04 4.16 26.03
CA HIS E 129 -12.42 3.49 24.79
C HIS E 129 -12.63 2.00 24.91
N ALA E 130 -11.81 1.35 25.74
CA ALA E 130 -11.89 -0.09 25.92
C ALA E 130 -13.09 -0.59 26.71
N ARG E 131 -13.55 0.20 27.67
CA ARG E 131 -14.64 -0.25 28.52
C ARG E 131 -16.02 -0.22 27.88
N ARG E 132 -16.75 -1.30 28.09
CA ARG E 132 -18.09 -1.45 27.57
C ARG E 132 -18.99 -0.41 28.23
N GLU E 133 -18.68 -0.05 29.47
CA GLU E 133 -19.45 0.94 30.21
C GLU E 133 -19.29 2.33 29.62
N ASP E 134 -18.19 2.56 28.90
CA ASP E 134 -17.92 3.86 28.29
C ASP E 134 -18.09 3.81 26.75
N LYS E 135 -17.05 4.17 25.99
CA LYS E 135 -17.17 4.13 24.52
C LYS E 135 -17.31 2.75 23.87
N ASP E 136 -16.99 1.70 24.62
CA ASP E 136 -17.14 0.31 24.15
C ASP E 136 -16.65 -0.02 22.73
N LYS E 137 -15.42 0.35 22.38
CA LYS E 137 -14.91 0.06 21.05
C LYS E 137 -14.86 -1.43 20.75
N GLY E 138 -14.69 -2.26 21.78
CA GLY E 138 -14.67 -3.68 21.56
C GLY E 138 -16.05 -4.09 21.10
N GLY E 139 -17.07 -3.53 21.76
CA GLY E 139 -18.45 -3.85 21.41
C GLY E 139 -18.80 -3.35 20.02
N PHE E 140 -18.36 -2.14 19.68
CA PHE E 140 -18.66 -1.59 18.36
C PHE E 140 -17.94 -2.37 17.29
N ALA E 141 -16.72 -2.81 17.59
CA ALA E 141 -15.99 -3.59 16.60
C ALA E 141 -16.76 -4.90 16.36
N ALA E 142 -17.29 -5.47 17.43
CA ALA E 142 -18.03 -6.73 17.30
C ALA E 142 -19.31 -6.47 16.52
N ARG E 143 -19.96 -5.35 16.81
CA ARG E 143 -21.18 -5.02 16.10
C ARG E 143 -20.87 -4.75 14.63
N ALA E 144 -19.73 -4.13 14.36
CA ALA E 144 -19.36 -3.85 12.99
C ALA E 144 -19.13 -5.18 12.28
N ALA E 145 -18.48 -6.13 12.95
CA ALA E 145 -18.24 -7.44 12.34
C ALA E 145 -19.57 -8.11 12.01
N LEU E 146 -20.53 -7.97 12.91
CA LEU E 146 -21.85 -8.56 12.71
C LEU E 146 -22.59 -7.91 11.53
N THR E 147 -22.46 -6.60 11.40
CA THR E 147 -23.11 -5.89 10.31
C THR E 147 -22.50 -6.38 9.01
N MET E 148 -21.19 -6.51 9.00
CA MET E 148 -20.50 -6.96 7.80
C MET E 148 -20.89 -8.38 7.42
N ILE E 149 -21.03 -9.26 8.42
CA ILE E 149 -21.43 -10.64 8.17
C ILE E 149 -22.81 -10.62 7.53
N GLY E 150 -23.65 -9.71 8.02
CA GLY E 150 -25.00 -9.59 7.47
C GLY E 150 -24.94 -9.23 5.99
N LEU E 151 -24.10 -8.25 5.67
CA LEU E 151 -23.96 -7.82 4.28
C LEU E 151 -23.39 -8.95 3.45
N ARG E 152 -22.41 -9.62 4.02
CA ARG E 152 -21.76 -10.72 3.36
C ARG E 152 -22.75 -11.82 3.01
N LYS E 153 -23.65 -12.13 3.94
CA LYS E 153 -24.66 -13.15 3.68
C LYS E 153 -25.68 -12.60 2.69
N LYS E 154 -26.02 -11.33 2.85
CA LYS E 154 -27.00 -10.70 1.97
C LYS E 154 -26.58 -10.81 0.52
N PHE E 155 -25.31 -10.55 0.24
CA PHE E 155 -24.83 -10.62 -1.13
C PHE E 155 -24.54 -12.05 -1.57
N GLY E 156 -24.57 -12.98 -0.62
CA GLY E 156 -24.31 -14.38 -0.93
C GLY E 156 -22.86 -14.63 -1.28
N ALA E 157 -21.96 -13.83 -0.71
CA ALA E 157 -20.53 -13.96 -0.97
C ALA E 157 -19.95 -15.09 -0.12
CA CA F . -18.17 29.70 8.99
CA CA G . -14.28 -7.58 -18.05
CA CA H . -6.80 -7.57 -27.94
CA CA I . 12.82 17.32 -30.78
CA CA J . -8.13 13.63 32.29
#